data_6CHH
#
_entry.id   6CHH
#
_cell.length_a   46.440
_cell.length_b   62.560
_cell.length_c   107.979
_cell.angle_alpha   91.760
_cell.angle_beta   98.050
_cell.angle_gamma   111.830
#
_symmetry.space_group_name_H-M   'P 1'
#
loop_
_entity.id
_entity.type
_entity.pdbx_description
1 polymer 'Nicotinamide N-methyltransferase'
2 non-polymer '(2~{S})-5-[2-(3-aminocarbonylphenyl)ethyl-[[(2~{R},3~{S},4~{R},5~{R})-5-(6-aminopurin-9-yl)-3,4-bis(oxidanyl)oxolan-2-yl]methyl]amino]-2-azanyl-pentanoic acid'
3 non-polymer 1,2-ETHANEDIOL
4 water water
#
_entity_poly.entity_id   1
_entity_poly.type   'polypeptide(L)'
_entity_poly.pdbx_seq_one_letter_code
;MGSSHHHHHHSSGLVPRGSMESGFTSKDTYLSHFNPRDYLEKYYKFGSRHSAESQILKHLLKNLFKIFCLDGVKGDLLID
IGSGPTIYQLLSACESFKEIVVTDYSDQNLQELEKWLKAAPAAFDWSPVVTYVCDLEGNRVKGPEKEEKLRQAVKQVLKC
DVTQSQPLGAVPLPPADCVLSTLCLDAACPDLPTYCRALRNLGSLLKPGGFLVIMDALKSSYYMIGEQKFSSLPLGREAV
EAAVKEAGYTIEWFEVISQSYSSTMANNEGLFSLVARKLSRPL
;
_entity_poly.pdbx_strand_id   A,B,C,D
#
loop_
_chem_comp.id
_chem_comp.type
_chem_comp.name
_chem_comp.formula
EDO non-polymer 1,2-ETHANEDIOL 'C2 H6 O2'
F0P non-polymer '(2~{S})-5-[2-(3-aminocarbonylphenyl)ethyl-[[(2~{R},3~{S},4~{R},5~{R})-5-(6-aminopurin-9-yl)-3,4-bis(oxidanyl)oxolan-2-yl]methyl]amino]-2-azanyl-pentanoic acid' 'C24 H32 N8 O6'
#
# COMPACT_ATOMS: atom_id res chain seq x y z
N SER A 11 15.01 0.02 3.44
CA SER A 11 14.40 1.19 4.08
C SER A 11 13.44 0.76 5.18
N SER A 12 12.73 1.74 5.75
CA SER A 12 11.85 1.50 6.89
C SER A 12 10.51 2.18 6.63
N GLY A 13 9.78 1.68 5.64
CA GLY A 13 8.52 2.27 5.24
C GLY A 13 8.64 3.56 4.45
N LEU A 14 9.87 4.08 4.27
CA LEU A 14 10.03 5.30 3.49
C LEU A 14 9.52 5.11 2.07
N VAL A 15 9.86 3.98 1.47
CA VAL A 15 9.39 3.59 0.14
C VAL A 15 9.10 2.10 0.16
N PRO A 16 8.31 1.61 -0.79
CA PRO A 16 8.03 0.16 -0.83
C PRO A 16 9.31 -0.66 -0.94
N ARG A 17 9.23 -1.91 -0.48
CA ARG A 17 10.41 -2.77 -0.52
C ARG A 17 10.83 -2.99 -1.98
N GLY A 18 12.14 -3.08 -2.20
CA GLY A 18 12.63 -3.27 -3.54
C GLY A 18 12.42 -2.13 -4.51
N SER A 19 12.02 -0.96 -4.05
CA SER A 19 11.73 0.18 -4.92
C SER A 19 12.76 1.30 -4.87
N MET A 20 13.75 1.22 -3.98
CA MET A 20 14.59 2.39 -3.72
C MET A 20 15.29 2.88 -4.99
N GLU A 21 15.79 1.96 -5.80
CA GLU A 21 16.55 2.37 -6.97
C GLU A 21 15.63 2.70 -8.13
N SER A 22 14.74 1.77 -8.48
CA SER A 22 13.92 1.89 -9.67
C SER A 22 12.68 2.75 -9.49
N GLY A 23 12.23 2.98 -8.24
CA GLY A 23 10.94 3.59 -7.98
C GLY A 23 9.78 2.64 -7.81
N PHE A 24 9.94 1.35 -8.13
CA PHE A 24 8.86 0.38 -8.06
C PHE A 24 9.41 -0.95 -7.56
N THR A 25 8.66 -1.58 -6.67
CA THR A 25 9.00 -2.88 -6.12
C THR A 25 9.49 -3.85 -7.20
N SER A 26 10.73 -4.30 -7.07
CA SER A 26 11.33 -5.20 -8.04
C SER A 26 10.63 -6.56 -8.02
N LYS A 27 10.78 -7.31 -9.12
CA LYS A 27 10.21 -8.65 -9.21
C LYS A 27 10.72 -9.55 -8.09
N ASP A 28 12.04 -9.52 -7.84
CA ASP A 28 12.67 -10.38 -6.83
C ASP A 28 12.04 -10.21 -5.46
N THR A 29 11.57 -8.99 -5.15
CA THR A 29 10.88 -8.76 -3.88
C THR A 29 9.69 -9.70 -3.71
N TYR A 30 9.03 -10.09 -4.80
CA TYR A 30 7.92 -11.00 -4.66
C TYR A 30 8.37 -12.45 -4.50
N LEU A 31 9.63 -12.74 -4.84
CA LEU A 31 10.14 -14.07 -4.54
C LEU A 31 10.66 -14.16 -3.11
N SER A 32 11.25 -13.07 -2.61
CA SER A 32 11.90 -13.08 -1.31
C SER A 32 10.94 -12.70 -0.19
N HIS A 33 10.15 -11.63 -0.36
CA HIS A 33 9.45 -11.02 0.76
C HIS A 33 7.94 -11.16 0.76
N PHE A 34 7.33 -11.72 -0.28
CA PHE A 34 5.87 -11.87 -0.26
C PHE A 34 5.52 -13.15 0.51
N ASN A 35 5.00 -13.00 1.73
CA ASN A 35 4.64 -14.16 2.53
C ASN A 35 3.18 -14.53 2.29
N PRO A 36 2.88 -15.65 1.64
CA PRO A 36 1.48 -15.92 1.30
C PRO A 36 0.61 -16.16 2.52
N ARG A 37 1.17 -16.81 3.54
CA ARG A 37 0.41 -17.03 4.78
C ARG A 37 0.08 -15.71 5.45
N ASP A 38 1.06 -14.81 5.55
CA ASP A 38 0.77 -13.49 6.09
C ASP A 38 -0.21 -12.73 5.19
N TYR A 39 -0.05 -12.84 3.86
CA TYR A 39 -0.96 -12.15 2.95
C TYR A 39 -2.40 -12.63 3.16
N LEU A 40 -2.59 -13.95 3.24
CA LEU A 40 -3.92 -14.51 3.48
C LEU A 40 -4.45 -14.10 4.85
N GLU A 41 -3.57 -14.11 5.86
CA GLU A 41 -3.99 -13.72 7.21
C GLU A 41 -4.48 -12.29 7.25
N LYS A 42 -3.84 -11.40 6.47
CA LYS A 42 -4.13 -9.99 6.57
C LYS A 42 -5.36 -9.58 5.76
N TYR A 43 -5.59 -10.24 4.62
CA TYR A 43 -6.60 -9.80 3.68
C TYR A 43 -7.82 -10.72 3.60
N TYR A 44 -7.67 -12.00 3.93
CA TYR A 44 -8.74 -12.94 3.68
C TYR A 44 -9.12 -13.70 4.94
N LYS A 45 -8.73 -13.19 6.10
CA LYS A 45 -8.87 -13.82 7.39
C LYS A 45 -9.28 -12.80 8.44
N SER A 48 -12.10 -8.28 11.30
CA SER A 48 -12.63 -9.39 12.09
C SER A 48 -14.11 -9.58 11.79
N ARG A 49 -14.92 -8.54 12.02
CA ARG A 49 -16.31 -8.55 11.62
C ARG A 49 -16.64 -7.27 10.89
N HIS A 50 -17.08 -7.40 9.63
CA HIS A 50 -17.46 -6.26 8.80
C HIS A 50 -16.33 -5.23 8.69
N SER A 51 -15.08 -5.69 8.71
CA SER A 51 -13.96 -4.82 8.41
C SER A 51 -14.00 -4.35 6.95
N ALA A 52 -13.14 -3.38 6.62
CA ALA A 52 -13.04 -2.93 5.23
C ALA A 52 -12.67 -4.09 4.31
N GLU A 53 -11.73 -4.94 4.75
CA GLU A 53 -11.29 -6.05 3.91
C GLU A 53 -12.43 -7.02 3.67
N SER A 54 -13.21 -7.32 4.70
CA SER A 54 -14.36 -8.21 4.57
C SER A 54 -15.35 -7.66 3.55
N GLN A 55 -15.65 -6.35 3.62
CA GLN A 55 -16.63 -5.75 2.72
C GLN A 55 -16.15 -5.80 1.28
N ILE A 56 -14.86 -5.56 1.07
CA ILE A 56 -14.28 -5.61 -0.26
C ILE A 56 -14.40 -7.03 -0.82
N LEU A 57 -14.14 -8.03 0.02
CA LEU A 57 -14.20 -9.41 -0.47
C LEU A 57 -15.62 -9.78 -0.86
N LYS A 58 -16.61 -9.35 -0.07
CA LYS A 58 -18.00 -9.63 -0.42
C LYS A 58 -18.38 -8.98 -1.74
N HIS A 59 -17.94 -7.73 -1.93
CA HIS A 59 -18.25 -7.06 -3.19
C HIS A 59 -17.60 -7.78 -4.37
N LEU A 60 -16.34 -8.24 -4.20
CA LEU A 60 -15.66 -8.96 -5.27
C LEU A 60 -16.43 -10.23 -5.63
N LEU A 61 -16.75 -11.05 -4.62
CA LEU A 61 -17.49 -12.29 -4.82
C LEU A 61 -18.85 -12.07 -5.47
N LYS A 62 -19.57 -11.01 -5.08
CA LYS A 62 -20.85 -10.69 -5.70
C LYS A 62 -20.68 -10.37 -7.18
N ASN A 63 -19.61 -9.64 -7.50
CA ASN A 63 -19.35 -9.31 -8.90
C ASN A 63 -18.97 -10.55 -9.70
N LEU A 64 -18.07 -11.38 -9.15
CA LEU A 64 -17.69 -12.59 -9.89
C LEU A 64 -18.90 -13.46 -10.09
N PHE A 65 -19.73 -13.60 -9.06
CA PHE A 65 -21.00 -14.29 -9.20
C PHE A 65 -21.83 -13.69 -10.33
N LYS A 66 -21.97 -12.35 -10.37
CA LYS A 66 -22.80 -11.73 -11.41
C LYS A 66 -22.19 -11.94 -12.79
N ILE A 67 -20.88 -11.76 -12.91
CA ILE A 67 -20.21 -11.96 -14.20
C ILE A 67 -20.38 -13.39 -14.69
N PHE A 68 -20.17 -14.38 -13.81
CA PHE A 68 -20.03 -15.77 -14.26
C PHE A 68 -21.32 -16.58 -14.21
N CYS A 69 -22.25 -16.23 -13.33
CA CYS A 69 -23.45 -17.02 -13.16
C CYS A 69 -24.70 -16.35 -13.69
N LEU A 70 -24.83 -15.03 -13.55
CA LEU A 70 -25.98 -14.31 -14.08
C LEU A 70 -25.73 -13.74 -15.47
N ASP A 71 -24.51 -13.28 -15.74
CA ASP A 71 -24.18 -12.72 -17.05
C ASP A 71 -23.67 -13.75 -18.04
N GLY A 72 -23.56 -15.01 -17.61
CA GLY A 72 -23.11 -16.09 -18.46
C GLY A 72 -21.83 -15.82 -19.24
N VAL A 73 -20.82 -15.26 -18.59
CA VAL A 73 -19.46 -15.34 -19.13
C VAL A 73 -18.97 -16.75 -18.88
N LYS A 74 -18.62 -17.46 -19.94
CA LYS A 74 -18.45 -18.90 -19.86
C LYS A 74 -17.64 -19.40 -21.06
N GLY A 75 -17.17 -20.63 -20.94
CA GLY A 75 -16.40 -21.23 -22.01
C GLY A 75 -15.73 -22.50 -21.50
N ASP A 76 -14.74 -22.94 -22.26
CA ASP A 76 -14.01 -24.16 -21.88
C ASP A 76 -12.94 -23.85 -20.85
N LEU A 77 -12.00 -22.98 -21.20
CA LEU A 77 -10.82 -22.69 -20.42
C LEU A 77 -10.85 -21.26 -19.91
N LEU A 78 -10.55 -21.09 -18.61
CA LEU A 78 -10.27 -19.81 -17.97
C LEU A 78 -8.88 -19.84 -17.37
N ILE A 79 -8.14 -18.74 -17.53
CA ILE A 79 -6.80 -18.61 -16.94
C ILE A 79 -6.86 -17.47 -15.93
N ASP A 80 -6.44 -17.75 -14.69
CA ASP A 80 -6.37 -16.76 -13.63
C ASP A 80 -4.93 -16.28 -13.50
N ILE A 81 -4.72 -14.99 -13.73
CA ILE A 81 -3.39 -14.38 -13.79
C ILE A 81 -3.12 -13.64 -12.48
N GLY A 82 -1.95 -13.87 -11.90
CA GLY A 82 -1.64 -13.28 -10.62
C GLY A 82 -2.55 -13.77 -9.50
N SER A 83 -2.86 -15.06 -9.50
CA SER A 83 -3.73 -15.65 -8.50
C SER A 83 -3.27 -15.41 -7.08
N GLY A 84 -1.97 -15.15 -6.88
CA GLY A 84 -1.40 -15.20 -5.56
C GLY A 84 -1.69 -16.56 -4.93
N PRO A 85 -1.88 -16.58 -3.62
CA PRO A 85 -2.27 -17.82 -2.92
C PRO A 85 -3.78 -17.99 -2.75
N THR A 86 -4.60 -17.22 -3.46
CA THR A 86 -6.05 -17.19 -3.20
C THR A 86 -6.82 -17.99 -4.23
N ILE A 87 -8.05 -18.35 -3.87
CA ILE A 87 -8.90 -19.15 -4.76
C ILE A 87 -10.32 -18.61 -4.70
N TYR A 88 -10.58 -17.63 -3.81
CA TYR A 88 -11.93 -17.05 -3.75
C TYR A 88 -12.41 -16.63 -5.13
N GLN A 89 -11.51 -16.08 -5.97
CA GLN A 89 -11.92 -15.57 -7.26
C GLN A 89 -12.25 -16.66 -8.27
N LEU A 90 -12.17 -17.95 -7.90
CA LEU A 90 -12.54 -19.00 -8.84
C LEU A 90 -13.85 -19.67 -8.48
N LEU A 91 -14.41 -19.36 -7.31
CA LEU A 91 -15.50 -20.18 -6.81
C LEU A 91 -16.71 -20.14 -7.73
N SER A 92 -17.08 -18.95 -8.22
CA SER A 92 -18.19 -18.88 -9.17
C SER A 92 -17.77 -19.27 -10.58
N ALA A 93 -16.54 -18.93 -10.97
CA ALA A 93 -16.06 -19.21 -12.33
C ALA A 93 -16.10 -20.70 -12.66
N CYS A 94 -15.83 -21.57 -11.67
CA CYS A 94 -15.80 -23.00 -11.95
C CYS A 94 -17.18 -23.52 -12.33
N GLU A 95 -18.24 -22.78 -11.99
CA GLU A 95 -19.58 -23.13 -12.47
C GLU A 95 -19.76 -22.86 -13.97
N SER A 96 -18.97 -21.96 -14.57
CA SER A 96 -19.14 -21.58 -15.97
C SER A 96 -18.00 -22.05 -16.87
N PHE A 97 -16.90 -22.51 -16.30
CA PHE A 97 -15.74 -22.92 -17.07
C PHE A 97 -15.38 -24.37 -16.73
N LYS A 98 -15.14 -25.16 -17.78
CA LYS A 98 -14.83 -26.56 -17.56
C LYS A 98 -13.43 -26.72 -16.97
N GLU A 99 -12.48 -25.89 -17.39
CA GLU A 99 -11.10 -25.99 -16.96
C GLU A 99 -10.53 -24.64 -16.61
N ILE A 100 -9.81 -24.61 -15.49
CA ILE A 100 -9.20 -23.40 -14.94
C ILE A 100 -7.70 -23.65 -14.84
N VAL A 101 -6.90 -22.70 -15.32
CA VAL A 101 -5.47 -22.67 -15.08
C VAL A 101 -5.18 -21.50 -14.16
N VAL A 102 -4.41 -21.77 -13.09
CA VAL A 102 -4.06 -20.76 -12.10
C VAL A 102 -2.57 -20.44 -12.22
N THR A 103 -2.22 -19.17 -12.04
CA THR A 103 -0.84 -18.72 -12.29
C THR A 103 -0.47 -17.61 -11.33
N ASP A 104 0.82 -17.54 -10.98
CA ASP A 104 1.37 -16.41 -10.24
C ASP A 104 2.86 -16.31 -10.54
N TYR A 105 3.42 -15.13 -10.31
CA TYR A 105 4.87 -15.01 -10.41
C TYR A 105 5.59 -15.68 -9.23
N SER A 106 4.95 -15.79 -8.07
CA SER A 106 5.64 -16.18 -6.84
C SER A 106 5.56 -17.70 -6.66
N ASP A 107 6.73 -18.34 -6.59
CA ASP A 107 6.77 -19.76 -6.29
C ASP A 107 6.19 -20.04 -4.92
N GLN A 108 6.38 -19.14 -3.96
CA GLN A 108 5.74 -19.29 -2.67
C GLN A 108 4.24 -19.37 -2.83
N ASN A 109 3.67 -18.53 -3.70
CA ASN A 109 2.23 -18.52 -3.86
C ASN A 109 1.76 -19.82 -4.51
N LEU A 110 2.47 -20.26 -5.56
CA LEU A 110 2.14 -21.51 -6.21
C LEU A 110 2.15 -22.66 -5.21
N GLN A 111 3.10 -22.65 -4.26
CA GLN A 111 3.14 -23.68 -3.24
C GLN A 111 1.86 -23.67 -2.40
N GLU A 112 1.42 -22.48 -1.97
CA GLU A 112 0.24 -22.40 -1.11
C GLU A 112 -1.00 -22.91 -1.84
N LEU A 113 -1.11 -22.57 -3.13
CA LEU A 113 -2.24 -23.01 -3.95
C LEU A 113 -2.25 -24.52 -4.12
N GLU A 114 -1.09 -25.11 -4.39
CA GLU A 114 -1.04 -26.54 -4.60
C GLU A 114 -1.31 -27.30 -3.29
N LYS A 115 -0.97 -26.70 -2.14
CA LYS A 115 -1.35 -27.32 -0.86
C LYS A 115 -2.86 -27.34 -0.70
N TRP A 116 -3.51 -26.25 -1.09
CA TRP A 116 -4.97 -26.18 -1.01
C TRP A 116 -5.61 -27.12 -2.02
N LEU A 117 -4.98 -27.29 -3.19
CA LEU A 117 -5.51 -28.21 -4.19
C LEU A 117 -5.42 -29.65 -3.72
N LYS A 118 -4.33 -30.00 -3.03
CA LYS A 118 -4.19 -31.30 -2.38
C LYS A 118 -5.05 -31.44 -1.13
N ALA A 119 -5.77 -30.39 -0.73
CA ALA A 119 -6.54 -30.38 0.52
C ALA A 119 -5.65 -30.80 1.69
N ALA A 120 -4.41 -30.31 1.67
CA ALA A 120 -3.49 -30.60 2.76
C ALA A 120 -4.03 -30.00 4.05
N PRO A 121 -4.02 -30.75 5.16
CA PRO A 121 -4.64 -30.23 6.39
C PRO A 121 -4.00 -28.94 6.90
N ALA A 122 -2.77 -28.63 6.52
CA ALA A 122 -2.13 -27.39 6.92
C ALA A 122 -2.52 -26.19 6.05
N ALA A 123 -3.29 -26.41 4.99
CA ALA A 123 -3.58 -25.31 4.08
C ALA A 123 -4.62 -24.37 4.67
N PHE A 124 -4.65 -23.15 4.12
CA PHE A 124 -5.61 -22.13 4.52
C PHE A 124 -7.03 -22.66 4.40
N ASP A 125 -7.88 -22.21 5.31
CA ASP A 125 -9.28 -22.63 5.33
C ASP A 125 -10.16 -21.59 4.64
N TRP A 126 -10.67 -21.93 3.46
CA TRP A 126 -11.57 -21.07 2.70
C TRP A 126 -13.04 -21.32 3.00
N SER A 127 -13.37 -22.21 3.96
CA SER A 127 -14.76 -22.60 4.22
C SER A 127 -15.73 -21.43 4.36
N PRO A 128 -15.45 -20.37 5.14
CA PRO A 128 -16.44 -19.29 5.24
C PRO A 128 -16.71 -18.63 3.90
N VAL A 129 -15.65 -18.30 3.16
CA VAL A 129 -15.81 -17.76 1.81
C VAL A 129 -16.63 -18.71 0.94
N VAL A 130 -16.31 -20.01 1.00
CA VAL A 130 -17.02 -20.99 0.17
C VAL A 130 -18.51 -21.00 0.51
N THR A 131 -18.82 -21.00 1.81
CA THR A 131 -20.22 -21.00 2.22
C THR A 131 -20.94 -19.74 1.73
N TYR A 132 -20.24 -18.60 1.76
CA TYR A 132 -20.85 -17.37 1.28
C TYR A 132 -21.23 -17.49 -0.18
N VAL A 133 -20.32 -17.98 -1.01
CA VAL A 133 -20.58 -18.07 -2.44
C VAL A 133 -21.70 -19.06 -2.72
N CYS A 134 -21.69 -20.21 -2.04
CA CYS A 134 -22.77 -21.18 -2.18
C CYS A 134 -24.10 -20.56 -1.85
N ASP A 135 -24.12 -19.67 -0.85
CA ASP A 135 -25.37 -19.03 -0.48
C ASP A 135 -25.76 -17.96 -1.51
N LEU A 136 -24.76 -17.25 -2.05
CA LEU A 136 -25.02 -16.39 -3.19
C LEU A 136 -25.65 -17.16 -4.34
N GLU A 137 -25.19 -18.39 -4.57
CA GLU A 137 -25.60 -19.17 -5.71
C GLU A 137 -26.88 -19.94 -5.47
N GLY A 138 -27.53 -19.76 -4.33
CA GLY A 138 -28.84 -20.34 -4.13
C GLY A 138 -28.88 -21.53 -3.20
N ASN A 139 -27.74 -21.92 -2.63
CA ASN A 139 -27.64 -23.07 -1.73
C ASN A 139 -28.01 -24.37 -2.44
N ARG A 140 -27.68 -24.45 -3.73
CA ARG A 140 -27.93 -25.67 -4.48
C ARG A 140 -26.98 -26.79 -4.06
N VAL A 141 -25.77 -26.43 -3.61
CA VAL A 141 -24.85 -27.36 -2.97
C VAL A 141 -24.36 -26.72 -1.67
N LYS A 142 -23.72 -27.55 -0.85
CA LYS A 142 -23.03 -27.03 0.32
C LYS A 142 -21.55 -26.82 -0.01
N GLY A 143 -20.85 -26.19 0.92
CA GLY A 143 -19.45 -25.88 0.79
C GLY A 143 -18.54 -26.98 0.26
N PRO A 144 -18.54 -28.15 0.91
CA PRO A 144 -17.58 -29.20 0.51
C PRO A 144 -17.68 -29.58 -0.97
N GLU A 145 -18.89 -29.81 -1.46
CA GLU A 145 -19.10 -30.16 -2.87
C GLU A 145 -18.64 -29.05 -3.80
N LYS A 146 -18.86 -27.79 -3.39
CA LYS A 146 -18.40 -26.66 -4.18
C LYS A 146 -16.87 -26.60 -4.20
N GLU A 147 -16.23 -26.85 -3.06
CA GLU A 147 -14.77 -26.87 -3.01
C GLU A 147 -14.20 -27.99 -3.88
N GLU A 148 -14.77 -29.19 -3.78
CA GLU A 148 -14.22 -30.27 -4.57
C GLU A 148 -14.44 -30.02 -6.06
N LYS A 149 -15.55 -29.41 -6.43
CA LYS A 149 -15.77 -29.13 -7.84
C LYS A 149 -14.72 -28.14 -8.36
N LEU A 150 -14.32 -27.17 -7.55
CA LEU A 150 -13.26 -26.26 -7.95
C LEU A 150 -11.92 -26.97 -8.04
N ARG A 151 -11.57 -27.76 -7.01
CA ARG A 151 -10.33 -28.52 -7.05
C ARG A 151 -10.23 -29.33 -8.33
N GLN A 152 -11.34 -29.97 -8.71
CA GLN A 152 -11.35 -30.74 -9.95
C GLN A 152 -11.26 -29.85 -11.17
N ALA A 153 -11.75 -28.61 -11.11
CA ALA A 153 -11.67 -27.76 -12.28
C ALA A 153 -10.25 -27.25 -12.53
N VAL A 154 -9.41 -27.19 -11.51
CA VAL A 154 -8.09 -26.59 -11.63
C VAL A 154 -7.14 -27.63 -12.19
N LYS A 155 -6.74 -27.45 -13.44
CA LYS A 155 -5.96 -28.43 -14.18
C LYS A 155 -4.48 -28.15 -14.17
N GLN A 156 -4.07 -26.90 -13.98
CA GLN A 156 -2.67 -26.53 -14.12
C GLN A 156 -2.38 -25.39 -13.15
N VAL A 157 -1.22 -25.46 -12.51
CA VAL A 157 -0.71 -24.37 -11.68
C VAL A 157 0.63 -23.96 -12.28
N LEU A 158 0.75 -22.69 -12.68
CA LEU A 158 1.86 -22.27 -13.52
C LEU A 158 2.47 -20.97 -13.05
N LYS A 159 3.79 -20.87 -13.23
CA LYS A 159 4.48 -19.60 -13.13
C LYS A 159 4.09 -18.69 -14.29
N CYS A 160 3.88 -17.42 -13.98
CA CYS A 160 3.61 -16.42 -15.02
C CYS A 160 4.28 -15.09 -14.67
N ASP A 161 4.55 -14.31 -15.72
CA ASP A 161 5.14 -12.98 -15.60
C ASP A 161 4.45 -12.11 -16.64
N VAL A 162 3.61 -11.17 -16.19
CA VAL A 162 2.76 -10.43 -17.12
C VAL A 162 3.57 -9.52 -18.03
N THR A 163 4.73 -9.07 -17.59
CA THR A 163 5.58 -8.18 -18.36
C THR A 163 6.29 -8.87 -19.53
N GLN A 164 6.14 -10.19 -19.71
CA GLN A 164 6.77 -10.93 -20.78
C GLN A 164 5.76 -11.22 -21.88
N SER A 165 6.22 -11.21 -23.14
CA SER A 165 5.28 -11.27 -24.25
C SER A 165 4.63 -12.65 -24.37
N GLN A 166 5.24 -13.67 -23.78
CA GLN A 166 4.59 -14.96 -23.53
C GLN A 166 4.46 -15.10 -22.02
N PRO A 167 3.39 -14.59 -21.42
CA PRO A 167 3.35 -14.53 -19.95
C PRO A 167 3.51 -15.88 -19.28
N LEU A 168 3.24 -16.99 -19.98
CA LEU A 168 3.43 -18.32 -19.43
C LEU A 168 4.65 -19.05 -19.99
N GLY A 169 5.56 -18.32 -20.64
CA GLY A 169 6.68 -19.04 -21.19
C GLY A 169 6.25 -19.97 -22.32
N ALA A 170 7.11 -20.96 -22.57
CA ALA A 170 6.90 -21.97 -23.61
C ALA A 170 5.82 -23.01 -23.26
N VAL A 171 5.08 -22.78 -22.20
CA VAL A 171 4.04 -23.71 -21.77
C VAL A 171 2.85 -23.62 -22.71
N PRO A 172 2.58 -24.65 -23.51
CA PRO A 172 1.48 -24.58 -24.48
C PRO A 172 0.13 -24.77 -23.80
N LEU A 173 -0.80 -23.90 -24.13
CA LEU A 173 -2.18 -24.00 -23.68
C LEU A 173 -3.07 -23.70 -24.86
N PRO A 174 -4.28 -24.26 -24.90
CA PRO A 174 -5.24 -23.86 -25.90
C PRO A 174 -5.65 -22.41 -25.66
N PRO A 175 -6.04 -21.69 -26.71
CA PRO A 175 -6.59 -20.35 -26.51
C PRO A 175 -7.75 -20.39 -25.52
N ALA A 176 -7.71 -19.49 -24.55
CA ALA A 176 -8.68 -19.45 -23.48
C ALA A 176 -9.91 -18.63 -23.87
N ASP A 177 -11.05 -19.00 -23.29
CA ASP A 177 -12.27 -18.21 -23.45
C ASP A 177 -12.26 -16.99 -22.54
N CYS A 178 -11.54 -17.07 -21.42
CA CYS A 178 -11.50 -15.98 -20.46
C CYS A 178 -10.12 -15.90 -19.83
N VAL A 179 -9.67 -14.69 -19.61
CA VAL A 179 -8.56 -14.40 -18.71
C VAL A 179 -9.12 -13.56 -17.56
N LEU A 180 -8.88 -13.99 -16.34
CA LEU A 180 -9.30 -13.26 -15.15
C LEU A 180 -8.07 -12.75 -14.41
N SER A 181 -8.20 -11.58 -13.80
CA SER A 181 -7.07 -11.05 -13.02
C SER A 181 -7.61 -10.14 -11.93
N THR A 182 -7.44 -10.55 -10.69
CA THR A 182 -7.92 -9.78 -9.54
C THR A 182 -6.74 -9.28 -8.73
N LEU A 183 -6.69 -7.96 -8.54
CA LEU A 183 -5.74 -7.31 -7.66
C LEU A 183 -4.29 -7.61 -8.03
N CYS A 184 -3.99 -7.74 -9.32
CA CYS A 184 -2.65 -8.14 -9.73
C CYS A 184 -1.94 -7.07 -10.54
N LEU A 185 -2.51 -6.61 -11.66
CA LEU A 185 -1.73 -5.80 -12.60
C LEU A 185 -1.23 -4.50 -11.99
N ASP A 186 -1.99 -3.89 -11.06
CA ASP A 186 -1.48 -2.73 -10.31
C ASP A 186 -0.16 -3.02 -9.62
N ALA A 187 -0.06 -4.20 -9.00
CA ALA A 187 1.13 -4.57 -8.27
C ALA A 187 2.24 -4.97 -9.19
N ALA A 188 1.92 -5.37 -10.43
CA ALA A 188 2.89 -5.96 -11.34
C ALA A 188 3.50 -4.96 -12.32
N CYS A 189 2.84 -3.84 -12.55
CA CYS A 189 3.22 -2.95 -13.65
C CYS A 189 3.76 -1.64 -13.11
N PRO A 190 5.05 -1.34 -13.30
CA PRO A 190 5.60 -0.12 -12.70
C PRO A 190 5.18 1.17 -13.39
N ASP A 191 4.60 1.10 -14.58
CA ASP A 191 4.18 2.29 -15.31
C ASP A 191 3.07 1.92 -16.28
N LEU A 192 2.43 2.94 -16.83
CA LEU A 192 1.26 2.74 -17.68
C LEU A 192 1.59 2.09 -19.04
N PRO A 193 2.74 2.35 -19.68
CA PRO A 193 3.05 1.55 -20.87
C PRO A 193 3.27 0.07 -20.56
N THR A 194 3.90 -0.25 -19.42
CA THR A 194 4.04 -1.65 -19.00
C THR A 194 2.67 -2.29 -18.76
N TYR A 195 1.81 -1.57 -18.03
CA TYR A 195 0.43 -1.99 -17.85
C TYR A 195 -0.23 -2.34 -19.17
N CYS A 196 -0.17 -1.42 -20.13
CA CYS A 196 -0.79 -1.64 -21.43
C CYS A 196 -0.14 -2.83 -22.15
N ARG A 197 1.19 -2.93 -22.11
CA ARG A 197 1.85 -4.11 -22.66
C ARG A 197 1.40 -5.38 -21.95
N ALA A 198 1.27 -5.33 -20.62
CA ALA A 198 0.79 -6.51 -19.90
C ALA A 198 -0.59 -6.94 -20.40
N LEU A 199 -1.51 -5.98 -20.54
CA LEU A 199 -2.83 -6.29 -21.09
C LEU A 199 -2.72 -6.90 -22.48
N ARG A 200 -1.77 -6.41 -23.29
CA ARG A 200 -1.54 -7.00 -24.59
C ARG A 200 -0.95 -8.41 -24.45
N ASN A 201 -0.01 -8.59 -23.54
CA ASN A 201 0.53 -9.93 -23.30
C ASN A 201 -0.57 -10.90 -22.89
N LEU A 202 -1.43 -10.50 -21.96
CA LEU A 202 -2.56 -11.35 -21.60
C LEU A 202 -3.39 -11.69 -22.82
N GLY A 203 -3.48 -10.75 -23.77
CA GLY A 203 -4.24 -10.99 -24.97
C GLY A 203 -3.75 -12.18 -25.76
N SER A 204 -2.44 -12.43 -25.74
CA SER A 204 -1.92 -13.57 -26.49
C SER A 204 -2.50 -14.90 -26.03
N LEU A 205 -3.07 -14.98 -24.82
CA LEU A 205 -3.63 -16.22 -24.33
C LEU A 205 -5.10 -16.40 -24.71
N LEU A 206 -5.71 -15.38 -25.35
CA LEU A 206 -7.15 -15.33 -25.53
C LEU A 206 -7.55 -15.66 -26.96
N LYS A 207 -8.65 -16.39 -27.10
CA LYS A 207 -9.32 -16.51 -28.40
C LYS A 207 -9.76 -15.12 -28.87
N PRO A 208 -9.85 -14.90 -30.19
CA PRO A 208 -10.52 -13.68 -30.66
C PRO A 208 -11.94 -13.65 -30.12
N GLY A 209 -12.31 -12.52 -29.55
CA GLY A 209 -13.59 -12.42 -28.88
C GLY A 209 -13.61 -12.94 -27.45
N GLY A 210 -12.48 -13.41 -26.93
CA GLY A 210 -12.44 -13.90 -25.56
C GLY A 210 -12.69 -12.78 -24.57
N PHE A 211 -12.97 -13.19 -23.33
CA PHE A 211 -13.32 -12.25 -22.27
C PHE A 211 -12.12 -11.92 -21.40
N LEU A 212 -12.01 -10.64 -21.03
CA LEU A 212 -11.00 -10.14 -20.11
C LEU A 212 -11.74 -9.57 -18.91
N VAL A 213 -11.49 -10.14 -17.74
CA VAL A 213 -12.16 -9.76 -16.52
C VAL A 213 -11.07 -9.32 -15.56
N ILE A 214 -11.05 -8.03 -15.22
CA ILE A 214 -10.04 -7.45 -14.34
C ILE A 214 -10.73 -6.80 -13.16
N MET A 215 -10.22 -7.06 -11.96
CA MET A 215 -10.61 -6.35 -10.77
C MET A 215 -9.35 -5.84 -10.08
N ASP A 216 -9.34 -4.55 -9.71
CA ASP A 216 -8.14 -4.00 -9.08
C ASP A 216 -8.48 -2.73 -8.31
N ALA A 217 -7.47 -2.18 -7.65
CA ALA A 217 -7.59 -0.98 -6.83
C ALA A 217 -7.41 0.28 -7.67
N LEU A 218 -8.09 1.34 -7.28
CA LEU A 218 -7.99 2.63 -7.95
C LEU A 218 -7.10 3.54 -7.13
N LYS A 219 -6.10 4.14 -7.77
CA LYS A 219 -5.27 5.20 -7.18
C LYS A 219 -4.54 4.72 -5.94
N SER A 220 -4.08 3.47 -5.98
CA SER A 220 -3.27 2.90 -4.93
C SER A 220 -1.80 2.98 -5.35
N SER A 221 -0.97 3.56 -4.51
CA SER A 221 0.46 3.63 -4.73
C SER A 221 1.27 2.65 -3.88
N TYR A 222 0.65 1.98 -2.90
CA TYR A 222 1.27 0.90 -2.12
C TYR A 222 0.18 0.05 -1.46
N TYR A 223 0.54 -1.19 -1.11
CA TYR A 223 -0.27 -1.97 -0.20
C TYR A 223 0.65 -2.69 0.79
N MET A 224 0.13 -2.91 2.00
CA MET A 224 0.88 -3.44 3.11
C MET A 224 0.58 -4.92 3.31
N ILE A 225 1.60 -5.69 3.62
CA ILE A 225 1.43 -6.99 4.25
C ILE A 225 2.05 -6.85 5.63
N GLY A 226 1.22 -6.52 6.60
CA GLY A 226 1.70 -6.24 7.94
C GLY A 226 2.51 -4.97 7.88
N GLU A 227 3.79 -5.06 8.22
CA GLU A 227 4.70 -3.93 8.14
C GLU A 227 5.54 -3.95 6.85
N GLN A 228 5.22 -4.83 5.89
CA GLN A 228 5.96 -4.88 4.64
C GLN A 228 5.17 -4.15 3.55
N LYS A 229 5.84 -3.23 2.85
CA LYS A 229 5.18 -2.34 1.91
C LYS A 229 5.55 -2.71 0.47
N PHE A 230 4.53 -2.86 -0.39
CA PHE A 230 4.72 -3.20 -1.79
C PHE A 230 4.19 -2.10 -2.69
N SER A 231 4.89 -1.83 -3.80
CA SER A 231 4.46 -0.79 -4.72
C SER A 231 3.12 -1.16 -5.37
N SER A 232 2.33 -0.13 -5.64
CA SER A 232 1.18 -0.23 -6.52
C SER A 232 1.21 0.93 -7.52
N LEU A 233 0.73 0.65 -8.74
CA LEU A 233 0.55 1.68 -9.75
C LEU A 233 -0.74 2.43 -9.51
N PRO A 234 -0.70 3.74 -9.20
CA PRO A 234 -1.92 4.50 -8.81
C PRO A 234 -2.73 5.05 -9.99
N LEU A 235 -3.46 4.15 -10.64
CA LEU A 235 -4.23 4.48 -11.84
C LEU A 235 -5.63 4.93 -11.49
N GLY A 236 -6.13 5.96 -12.23
CA GLY A 236 -7.53 6.31 -12.18
C GLY A 236 -8.34 5.52 -13.20
N ARG A 237 -9.67 5.65 -13.12
CA ARG A 237 -10.52 4.85 -13.99
C ARG A 237 -10.35 5.25 -15.46
N GLU A 238 -10.07 6.52 -15.76
CA GLU A 238 -9.84 6.89 -17.16
C GLU A 238 -8.56 6.24 -17.68
N ALA A 239 -7.49 6.24 -16.87
CA ALA A 239 -6.26 5.60 -17.30
C ALA A 239 -6.46 4.11 -17.54
N VAL A 240 -7.27 3.46 -16.71
CA VAL A 240 -7.52 2.03 -16.90
C VAL A 240 -8.28 1.79 -18.20
N GLU A 241 -9.34 2.56 -18.43
CA GLU A 241 -10.11 2.42 -19.66
C GLU A 241 -9.25 2.70 -20.90
N ALA A 242 -8.44 3.76 -20.83
CA ALA A 242 -7.50 4.04 -21.92
C ALA A 242 -6.61 2.83 -22.20
N ALA A 243 -5.97 2.31 -21.17
CA ALA A 243 -5.01 1.22 -21.37
C ALA A 243 -5.68 -0.02 -21.94
N VAL A 244 -6.90 -0.31 -21.48
CA VAL A 244 -7.58 -1.50 -21.96
C VAL A 244 -7.93 -1.37 -23.44
N LYS A 245 -8.44 -0.21 -23.86
CA LYS A 245 -8.80 -0.03 -25.27
C LYS A 245 -7.57 -0.04 -26.15
N GLU A 246 -6.50 0.62 -25.73
CA GLU A 246 -5.26 0.61 -26.50
C GLU A 246 -4.68 -0.80 -26.61
N ALA A 247 -4.84 -1.60 -25.56
CA ALA A 247 -4.29 -2.95 -25.63
C ALA A 247 -5.06 -3.85 -26.58
N GLY A 248 -6.18 -3.39 -27.14
CA GLY A 248 -6.89 -4.14 -28.15
C GLY A 248 -8.18 -4.79 -27.70
N TYR A 249 -8.90 -4.16 -26.77
CA TYR A 249 -10.11 -4.71 -26.20
C TYR A 249 -11.23 -3.70 -26.30
N THR A 250 -12.47 -4.18 -26.32
CA THR A 250 -13.65 -3.34 -26.20
C THR A 250 -14.33 -3.65 -24.88
N ILE A 251 -14.71 -2.60 -24.16
CA ILE A 251 -15.23 -2.74 -22.81
C ILE A 251 -16.74 -2.89 -22.87
N GLU A 252 -17.26 -4.00 -22.35
CA GLU A 252 -18.70 -4.19 -22.28
C GLU A 252 -19.32 -3.52 -21.07
N TRP A 253 -18.56 -3.40 -19.98
CA TRP A 253 -19.09 -3.16 -18.65
C TRP A 253 -17.94 -2.67 -17.80
N PHE A 254 -18.15 -1.59 -17.05
CA PHE A 254 -17.09 -1.01 -16.24
C PHE A 254 -17.74 -0.41 -15.00
N GLU A 255 -17.27 -0.82 -13.83
CA GLU A 255 -17.85 -0.42 -12.56
C GLU A 255 -16.75 0.09 -11.62
N VAL A 256 -17.13 1.08 -10.79
CA VAL A 256 -16.28 1.61 -9.74
C VAL A 256 -17.07 1.60 -8.44
N ILE A 257 -16.39 1.34 -7.33
CA ILE A 257 -16.97 1.45 -6.00
C ILE A 257 -16.07 2.34 -5.15
N SER A 258 -16.68 3.07 -4.22
CA SER A 258 -15.95 3.93 -3.32
C SER A 258 -15.25 3.17 -2.21
N GLN A 259 -15.71 1.98 -1.87
CA GLN A 259 -15.15 1.27 -0.71
C GLN A 259 -13.67 1.03 -0.92
N SER A 260 -12.88 1.39 0.10
CA SER A 260 -11.44 1.29 0.07
C SER A 260 -10.93 0.38 1.18
N TYR A 261 -9.69 -0.03 1.05
CA TYR A 261 -9.07 -0.76 2.15
C TYR A 261 -8.80 0.19 3.31
N SER A 262 -8.64 -0.40 4.50
CA SER A 262 -8.14 0.33 5.67
C SER A 262 -6.83 1.04 5.33
N SER A 263 -6.64 2.21 5.94
CA SER A 263 -5.43 3.00 5.66
C SER A 263 -4.17 2.24 6.06
N THR A 264 -4.22 1.50 7.17
CA THR A 264 -3.11 0.66 7.56
C THR A 264 -2.74 -0.40 6.53
N MET A 265 -3.52 -0.58 5.45
CA MET A 265 -3.17 -1.62 4.49
C MET A 265 -2.99 -1.15 3.05
N ALA A 266 -3.67 -0.09 2.61
CA ALA A 266 -3.42 0.52 1.30
C ALA A 266 -4.07 1.90 1.25
N ASN A 267 -3.53 2.75 0.37
CA ASN A 267 -4.04 4.10 0.17
C ASN A 267 -4.93 4.20 -1.06
N ASN A 268 -5.58 3.10 -1.42
CA ASN A 268 -6.47 3.11 -2.57
C ASN A 268 -7.68 4.01 -2.34
N GLU A 269 -8.27 4.43 -3.43
CA GLU A 269 -9.49 5.22 -3.44
C GLU A 269 -10.50 4.44 -4.24
N GLY A 270 -11.05 3.39 -3.63
CA GLY A 270 -12.00 2.55 -4.33
C GLY A 270 -11.36 1.47 -5.18
N LEU A 271 -12.25 0.72 -5.85
CA LEU A 271 -11.86 -0.40 -6.70
C LEU A 271 -12.68 -0.35 -7.97
N PHE A 272 -12.17 -0.99 -9.01
CA PHE A 272 -12.91 -1.13 -10.26
C PHE A 272 -13.03 -2.59 -10.65
N SER A 273 -14.10 -2.88 -11.38
CA SER A 273 -14.30 -4.10 -12.11
C SER A 273 -14.63 -3.75 -13.54
N LEU A 274 -14.15 -4.57 -14.46
CA LEU A 274 -14.55 -4.41 -15.85
C LEU A 274 -14.57 -5.77 -16.53
N VAL A 275 -15.37 -5.85 -17.58
CA VAL A 275 -15.46 -6.98 -18.48
C VAL A 275 -15.24 -6.43 -19.88
N ALA A 276 -14.25 -6.96 -20.58
CA ALA A 276 -13.92 -6.54 -21.94
C ALA A 276 -13.79 -7.76 -22.84
N ARG A 277 -13.83 -7.50 -24.16
CA ARG A 277 -13.58 -8.49 -25.20
C ARG A 277 -12.40 -8.10 -26.10
N LYS A 278 -11.61 -9.09 -26.49
CA LYS A 278 -10.52 -8.90 -27.44
C LYS A 278 -11.06 -8.63 -28.83
N LEU A 279 -10.61 -7.53 -29.47
CA LEU A 279 -11.20 -7.02 -30.71
C LEU A 279 -10.76 -7.85 -31.91
N SER A 280 -11.19 -7.43 -33.11
CA SER A 280 -10.83 -8.03 -34.39
C SER A 280 -9.60 -7.36 -35.01
N ARG A 281 -8.91 -8.10 -35.87
CA ARG A 281 -7.62 -7.69 -36.47
C ARG A 281 -7.71 -6.22 -36.94
N SER B 11 -11.59 -12.97 28.88
CA SER B 11 -11.58 -13.94 29.97
C SER B 11 -11.35 -13.28 31.34
N SER B 12 -11.05 -11.99 31.33
CA SER B 12 -11.01 -11.15 32.53
C SER B 12 -9.92 -11.58 33.52
N GLY B 13 -8.71 -11.79 33.00
CA GLY B 13 -7.56 -12.17 33.81
C GLY B 13 -7.57 -13.58 34.36
N LEU B 14 -8.70 -14.29 34.32
CA LEU B 14 -8.76 -15.66 34.83
C LEU B 14 -7.70 -16.54 34.18
N VAL B 15 -7.46 -16.36 32.89
CA VAL B 15 -6.37 -17.00 32.15
C VAL B 15 -5.79 -15.99 31.18
N PRO B 16 -4.55 -16.22 30.72
CA PRO B 16 -3.96 -15.32 29.72
C PRO B 16 -4.88 -15.14 28.51
N ARG B 17 -4.86 -13.93 27.95
CA ARG B 17 -5.64 -13.65 26.75
C ARG B 17 -5.28 -14.65 25.64
N GLY B 18 -6.29 -15.09 24.92
CA GLY B 18 -6.02 -16.01 23.83
C GLY B 18 -5.76 -17.45 24.24
N SER B 19 -5.86 -17.79 25.53
CA SER B 19 -5.50 -19.13 26.02
C SER B 19 -6.68 -20.01 26.41
N MET B 20 -7.91 -19.50 26.38
CA MET B 20 -9.01 -20.25 27.00
C MET B 20 -9.16 -21.65 26.39
N GLU B 21 -8.97 -21.77 25.07
CA GLU B 21 -9.22 -23.06 24.45
C GLU B 21 -7.99 -23.96 24.54
N SER B 22 -6.85 -23.44 24.12
CA SER B 22 -5.64 -24.25 24.00
C SER B 22 -4.82 -24.31 25.28
N GLY B 23 -5.03 -23.40 26.22
CA GLY B 23 -4.17 -23.28 27.38
C GLY B 23 -2.97 -22.37 27.20
N PHE B 24 -2.83 -21.72 26.05
CA PHE B 24 -1.68 -20.85 25.84
C PHE B 24 -2.04 -19.77 24.82
N THR B 25 -1.61 -18.55 25.12
CA THR B 25 -1.85 -17.39 24.27
C THR B 25 -1.61 -17.71 22.79
N SER B 26 -2.66 -17.59 21.99
CA SER B 26 -2.55 -17.81 20.56
C SER B 26 -1.63 -16.78 19.90
N LYS B 27 -1.09 -17.16 18.74
CA LYS B 27 -0.31 -16.23 17.91
C LYS B 27 -1.09 -14.97 17.58
N ASP B 28 -2.33 -15.12 17.11
CA ASP B 28 -3.11 -13.96 16.67
C ASP B 28 -3.21 -12.90 17.77
N THR B 29 -3.22 -13.34 19.04
CA THR B 29 -3.27 -12.40 20.15
C THR B 29 -2.11 -11.42 20.12
N TYR B 30 -0.94 -11.85 19.64
CA TYR B 30 0.18 -10.92 19.61
C TYR B 30 0.00 -9.85 18.53
N LEU B 31 -0.79 -10.10 17.50
CA LEU B 31 -1.11 -9.03 16.55
C LEU B 31 -2.19 -8.13 17.12
N SER B 32 -3.20 -8.72 17.77
CA SER B 32 -4.33 -7.94 18.25
C SER B 32 -3.98 -7.11 19.48
N HIS B 33 -3.43 -7.73 20.51
CA HIS B 33 -3.50 -7.19 21.86
C HIS B 33 -2.16 -6.81 22.47
N PHE B 34 -1.04 -7.10 21.81
CA PHE B 34 0.26 -6.69 22.32
C PHE B 34 0.50 -5.25 21.85
N ASN B 35 0.47 -4.31 22.78
CA ASN B 35 0.63 -2.92 22.42
C ASN B 35 2.06 -2.48 22.66
N PRO B 36 2.81 -2.11 21.62
CA PRO B 36 4.24 -1.82 21.80
C PRO B 36 4.49 -0.69 22.77
N ARG B 37 3.78 0.43 22.61
CA ARG B 37 4.03 1.59 23.47
C ARG B 37 3.68 1.29 24.92
N ASP B 38 2.60 0.54 25.16
CA ASP B 38 2.27 0.15 26.52
C ASP B 38 3.34 -0.77 27.08
N TYR B 39 3.81 -1.74 26.28
CA TYR B 39 4.85 -2.64 26.75
C TYR B 39 6.10 -1.87 27.15
N LEU B 40 6.51 -0.93 26.30
CA LEU B 40 7.70 -0.13 26.57
C LEU B 40 7.51 0.73 27.81
N GLU B 41 6.35 1.35 27.95
CA GLU B 41 6.08 2.19 29.12
C GLU B 41 6.18 1.36 30.40
N LYS B 42 5.75 0.11 30.31
CA LYS B 42 5.62 -0.74 31.48
C LYS B 42 6.94 -1.37 31.88
N TYR B 43 7.81 -1.69 30.92
CA TYR B 43 8.99 -2.46 31.24
C TYR B 43 10.29 -1.70 31.10
N TYR B 44 10.30 -0.57 30.39
CA TYR B 44 11.57 0.00 29.94
C TYR B 44 11.69 1.49 30.24
N LYS B 45 10.81 2.05 31.07
CA LYS B 45 10.86 3.45 31.48
C LYS B 45 12.26 3.86 31.99
N HIS B 50 16.01 1.18 42.77
CA HIS B 50 14.72 1.50 42.18
C HIS B 50 13.94 0.23 41.83
N SER B 51 13.21 0.23 40.72
CA SER B 51 12.19 -0.79 40.49
C SER B 51 12.80 -2.13 40.11
N ALA B 52 11.97 -3.17 40.24
CA ALA B 52 12.39 -4.51 39.83
C ALA B 52 12.65 -4.57 38.33
N GLU B 53 11.93 -3.78 37.56
CA GLU B 53 12.10 -3.79 36.11
C GLU B 53 13.39 -3.11 35.71
N SER B 54 13.73 -2.01 36.39
CA SER B 54 14.98 -1.30 36.11
C SER B 54 16.19 -2.16 36.47
N GLN B 55 16.18 -2.76 37.66
CA GLN B 55 17.26 -3.66 38.07
C GLN B 55 17.46 -4.78 37.06
N ILE B 56 16.37 -5.37 36.60
CA ILE B 56 16.44 -6.43 35.61
C ILE B 56 17.09 -5.93 34.33
N LEU B 57 16.66 -4.75 33.87
CA LEU B 57 17.25 -4.16 32.66
C LEU B 57 18.73 -3.90 32.85
N LYS B 58 19.12 -3.43 34.05
CA LYS B 58 20.53 -3.20 34.34
C LYS B 58 21.33 -4.49 34.26
N HIS B 59 20.75 -5.59 34.74
CA HIS B 59 21.47 -6.86 34.68
C HIS B 59 21.57 -7.35 33.23
N LEU B 60 20.48 -7.22 32.47
CA LEU B 60 20.53 -7.59 31.06
C LEU B 60 21.62 -6.83 30.32
N LEU B 61 21.70 -5.51 30.55
CA LEU B 61 22.69 -4.68 29.87
C LEU B 61 24.10 -5.03 30.30
N LYS B 62 24.32 -5.25 31.60
CA LYS B 62 25.64 -5.63 32.05
C LYS B 62 26.04 -6.97 31.47
N ASN B 63 25.08 -7.88 31.35
CA ASN B 63 25.37 -9.17 30.74
C ASN B 63 25.71 -9.04 29.27
N LEU B 64 24.89 -8.29 28.50
CA LEU B 64 25.18 -8.17 27.07
C LEU B 64 26.52 -7.48 26.88
N PHE B 65 26.83 -6.53 27.76
CA PHE B 65 28.14 -5.91 27.75
C PHE B 65 29.24 -6.97 27.89
N LYS B 66 29.10 -7.87 28.86
CA LYS B 66 30.17 -8.84 29.09
C LYS B 66 30.30 -9.78 27.91
N ILE B 67 29.17 -10.24 27.36
CA ILE B 67 29.19 -11.21 26.26
C ILE B 67 29.86 -10.62 25.02
N PHE B 68 29.42 -9.43 24.59
CA PHE B 68 29.84 -8.95 23.28
C PHE B 68 31.09 -8.11 23.33
N CYS B 69 31.43 -7.53 24.46
CA CYS B 69 32.59 -6.66 24.53
C CYS B 69 33.77 -7.29 25.25
N LEU B 70 33.55 -8.07 26.30
CA LEU B 70 34.68 -8.67 27.00
C LEU B 70 34.95 -10.11 26.60
N ASP B 71 33.91 -10.88 26.30
CA ASP B 71 34.05 -12.29 25.93
C ASP B 71 34.33 -12.50 24.45
N GLY B 72 34.41 -11.43 23.66
CA GLY B 72 34.75 -11.55 22.25
C GLY B 72 33.76 -12.30 21.38
N VAL B 73 32.50 -12.42 21.79
CA VAL B 73 31.46 -12.90 20.88
C VAL B 73 31.22 -11.83 19.83
N LYS B 74 31.52 -12.14 18.57
CA LYS B 74 31.68 -11.15 17.52
C LYS B 74 31.53 -11.82 16.16
N GLY B 75 31.37 -11.01 15.11
CA GLY B 75 31.34 -11.55 13.77
C GLY B 75 30.70 -10.56 12.80
N ASP B 76 30.33 -11.10 11.64
CA ASP B 76 29.69 -10.29 10.60
C ASP B 76 28.23 -10.01 10.92
N LEU B 77 27.41 -11.07 11.04
CA LEU B 77 25.96 -10.92 11.11
C LEU B 77 25.40 -11.47 12.41
N LEU B 78 24.66 -10.64 13.15
CA LEU B 78 23.83 -11.04 14.27
C LEU B 78 22.36 -10.91 13.91
N ILE B 79 21.56 -11.91 14.26
CA ILE B 79 20.12 -11.88 14.11
C ILE B 79 19.48 -11.86 15.50
N ASP B 80 18.71 -10.81 15.78
CA ASP B 80 17.96 -10.68 17.02
C ASP B 80 16.54 -11.20 16.80
N ILE B 81 16.15 -12.20 17.58
CA ILE B 81 14.87 -12.88 17.40
C ILE B 81 13.93 -12.45 18.53
N GLY B 82 12.69 -12.13 18.16
CA GLY B 82 11.71 -11.66 19.13
C GLY B 82 12.05 -10.30 19.73
N SER B 83 12.55 -9.38 18.90
CA SER B 83 13.01 -8.07 19.36
C SER B 83 11.92 -7.29 20.08
N GLY B 84 10.65 -7.54 19.73
CA GLY B 84 9.59 -6.67 20.17
C GLY B 84 9.86 -5.26 19.67
N PRO B 85 9.44 -4.26 20.43
CA PRO B 85 9.77 -2.87 20.11
C PRO B 85 11.09 -2.38 20.69
N THR B 86 11.96 -3.25 21.19
CA THR B 86 13.09 -2.78 21.99
C THR B 86 14.40 -2.88 21.22
N ILE B 87 15.36 -2.05 21.65
CA ILE B 87 16.69 -2.05 21.06
C ILE B 87 17.79 -2.07 22.11
N TYR B 88 17.44 -2.03 23.41
CA TYR B 88 18.46 -2.09 24.45
C TYR B 88 19.38 -3.29 24.25
N GLN B 89 18.81 -4.42 23.80
CA GLN B 89 19.58 -5.65 23.68
C GLN B 89 20.56 -5.63 22.51
N LEU B 90 20.62 -4.56 21.71
CA LEU B 90 21.56 -4.46 20.60
C LEU B 90 22.69 -3.47 20.83
N LEU B 91 22.67 -2.74 21.95
CA LEU B 91 23.58 -1.61 22.08
C LEU B 91 25.03 -2.07 22.14
N SER B 92 25.36 -2.97 23.06
CA SER B 92 26.72 -3.53 23.09
C SER B 92 27.00 -4.37 21.85
N ALA B 93 25.99 -5.10 21.36
CA ALA B 93 26.16 -6.00 20.22
C ALA B 93 26.72 -5.28 18.99
N CYS B 94 26.27 -4.06 18.74
CA CYS B 94 26.70 -3.40 17.51
C CYS B 94 28.18 -3.03 17.54
N GLU B 95 28.83 -3.13 18.69
CA GLU B 95 30.28 -2.95 18.72
C GLU B 95 31.03 -4.15 18.18
N SER B 96 30.43 -5.34 18.20
CA SER B 96 31.11 -6.57 17.81
C SER B 96 30.58 -7.15 16.51
N PHE B 97 29.55 -6.55 15.91
CA PHE B 97 28.92 -7.12 14.74
C PHE B 97 28.76 -6.05 13.67
N LYS B 98 29.15 -6.39 12.43
CA LYS B 98 29.01 -5.44 11.32
C LYS B 98 27.55 -5.20 10.99
N GLU B 99 26.73 -6.26 10.99
CA GLU B 99 25.34 -6.18 10.55
C GLU B 99 24.41 -6.86 11.54
N ILE B 100 23.30 -6.18 11.82
CA ILE B 100 22.29 -6.66 12.75
C ILE B 100 20.95 -6.71 12.01
N VAL B 101 20.24 -7.82 12.16
CA VAL B 101 18.89 -7.96 11.61
C VAL B 101 17.93 -8.14 12.79
N VAL B 102 16.89 -7.30 12.85
CA VAL B 102 15.91 -7.37 13.94
C VAL B 102 14.64 -7.97 13.40
N THR B 103 13.97 -8.75 14.26
CA THR B 103 12.81 -9.54 13.87
C THR B 103 11.82 -9.62 15.03
N ASP B 104 10.54 -9.71 14.68
CA ASP B 104 9.49 -9.99 15.66
C ASP B 104 8.28 -10.54 14.92
N TYR B 105 7.45 -11.29 15.66
CA TYR B 105 6.21 -11.77 15.08
C TYR B 105 5.18 -10.64 14.88
N SER B 106 5.24 -9.60 15.70
CA SER B 106 4.16 -8.63 15.77
C SER B 106 4.47 -7.45 14.85
N ASP B 107 3.54 -7.16 13.94
CA ASP B 107 3.75 -6.06 13.00
C ASP B 107 3.78 -4.73 13.74
N GLN B 108 2.98 -4.60 14.80
CA GLN B 108 3.03 -3.40 15.62
C GLN B 108 4.42 -3.18 16.19
N ASN B 109 5.08 -4.27 16.61
CA ASN B 109 6.43 -4.15 17.13
C ASN B 109 7.38 -3.66 16.04
N LEU B 110 7.24 -4.22 14.83
CA LEU B 110 8.14 -3.86 13.74
C LEU B 110 7.97 -2.40 13.38
N GLN B 111 6.73 -1.91 13.39
CA GLN B 111 6.49 -0.50 13.15
C GLN B 111 7.18 0.36 14.20
N GLU B 112 7.12 -0.04 15.48
CA GLU B 112 7.77 0.72 16.54
C GLU B 112 9.28 0.80 16.31
N LEU B 113 9.89 -0.31 15.87
CA LEU B 113 11.31 -0.32 15.60
C LEU B 113 11.65 0.57 14.40
N GLU B 114 10.84 0.52 13.35
CA GLU B 114 11.15 1.31 12.16
C GLU B 114 11.09 2.79 12.49
N LYS B 115 10.13 3.19 13.31
CA LYS B 115 10.07 4.58 13.76
C LYS B 115 11.35 4.98 14.46
N TRP B 116 11.87 4.11 15.32
CA TRP B 116 13.08 4.45 16.05
C TRP B 116 14.30 4.43 15.14
N LEU B 117 14.28 3.57 14.12
CA LEU B 117 15.43 3.44 13.21
C LEU B 117 15.57 4.69 12.33
N LYS B 118 14.45 5.28 11.92
CA LYS B 118 14.45 6.55 11.20
C LYS B 118 14.48 7.75 12.13
N ALA B 119 14.64 7.53 13.44
CA ALA B 119 14.65 8.61 14.43
C ALA B 119 13.41 9.49 14.30
N ALA B 120 12.27 8.84 14.12
CA ALA B 120 11.03 9.61 14.06
C ALA B 120 10.85 10.33 15.40
N PRO B 121 10.49 11.61 15.39
CA PRO B 121 10.37 12.35 16.66
C PRO B 121 9.37 11.75 17.64
N ALA B 122 8.35 11.02 17.17
CA ALA B 122 7.39 10.40 18.08
C ALA B 122 7.84 9.03 18.59
N ALA B 123 9.07 8.61 18.31
CA ALA B 123 9.53 7.30 18.76
C ALA B 123 9.87 7.34 20.26
N PHE B 124 10.04 6.14 20.81
CA PHE B 124 10.41 5.98 22.21
C PHE B 124 11.84 6.44 22.42
N ASP B 125 12.10 7.02 23.60
CA ASP B 125 13.41 7.61 23.90
C ASP B 125 14.28 6.62 24.68
N TRP B 126 15.29 6.06 24.01
CA TRP B 126 16.21 5.11 24.62
C TRP B 126 17.44 5.76 25.24
N SER B 127 17.54 7.10 25.19
CA SER B 127 18.78 7.77 25.56
C SER B 127 19.28 7.49 26.97
N PRO B 128 18.44 7.35 28.01
CA PRO B 128 19.02 6.96 29.32
C PRO B 128 19.61 5.55 29.32
N VAL B 129 18.92 4.57 28.74
CA VAL B 129 19.53 3.26 28.49
C VAL B 129 20.80 3.41 27.65
N VAL B 130 20.77 4.25 26.62
CA VAL B 130 21.95 4.43 25.79
C VAL B 130 23.10 5.02 26.61
N THR B 131 22.80 6.00 27.46
CA THR B 131 23.85 6.60 28.28
C THR B 131 24.44 5.59 29.24
N TYR B 132 23.58 4.72 29.79
CA TYR B 132 24.05 3.68 30.72
C TYR B 132 25.02 2.73 30.04
N VAL B 133 24.72 2.32 28.80
CA VAL B 133 25.62 1.39 28.14
C VAL B 133 26.93 2.09 27.76
N CYS B 134 26.86 3.37 27.36
CA CYS B 134 28.08 4.10 27.05
C CYS B 134 28.96 4.20 28.29
N ASP B 135 28.35 4.31 29.47
CA ASP B 135 29.11 4.30 30.72
C ASP B 135 29.75 2.94 30.96
N LEU B 136 29.02 1.85 30.67
CA LEU B 136 29.60 0.51 30.83
C LEU B 136 30.83 0.33 29.96
N GLU B 137 30.82 0.90 28.75
CA GLU B 137 31.85 0.69 27.74
C GLU B 137 33.03 1.63 27.87
N GLY B 138 33.03 2.49 28.89
CA GLY B 138 34.16 3.36 29.16
C GLY B 138 33.96 4.81 28.81
N ASN B 139 32.76 5.21 28.40
CA ASN B 139 32.50 6.57 27.91
C ASN B 139 33.42 6.91 26.75
N ARG B 140 33.74 5.91 25.93
CA ARG B 140 34.53 6.16 24.73
C ARG B 140 33.82 7.13 23.80
N VAL B 141 32.49 7.03 23.70
CA VAL B 141 31.67 7.95 22.93
C VAL B 141 30.49 8.36 23.80
N LYS B 142 29.78 9.39 23.34
CA LYS B 142 28.56 9.78 24.03
C LYS B 142 27.36 9.06 23.39
N GLY B 143 26.20 9.24 24.02
CA GLY B 143 24.97 8.63 23.60
C GLY B 143 24.67 8.74 22.11
N PRO B 144 24.59 9.97 21.58
CA PRO B 144 24.13 10.12 20.18
C PRO B 144 24.97 9.34 19.19
N GLU B 145 26.30 9.40 19.30
CA GLU B 145 27.16 8.64 18.41
C GLU B 145 26.84 7.15 18.49
N LYS B 146 26.62 6.63 19.70
CA LYS B 146 26.35 5.21 19.88
C LYS B 146 25.01 4.82 19.24
N GLU B 147 23.97 5.64 19.43
CA GLU B 147 22.68 5.37 18.79
C GLU B 147 22.82 5.33 17.28
N GLU B 148 23.60 6.25 16.71
CA GLU B 148 23.73 6.27 15.26
C GLU B 148 24.54 5.07 14.76
N LYS B 149 25.50 4.60 15.56
CA LYS B 149 26.19 3.37 15.16
C LYS B 149 25.23 2.19 15.14
N LEU B 150 24.33 2.10 16.13
CA LEU B 150 23.31 1.06 16.11
C LEU B 150 22.38 1.22 14.92
N ARG B 151 21.92 2.45 14.66
CA ARG B 151 20.96 2.65 13.57
C ARG B 151 21.57 2.25 12.24
N GLN B 152 22.83 2.59 12.02
CA GLN B 152 23.51 2.14 10.82
C GLN B 152 23.73 0.64 10.82
N ALA B 153 23.90 0.03 12.00
CA ALA B 153 24.16 -1.40 12.04
C ALA B 153 22.94 -2.20 11.65
N VAL B 154 21.73 -1.71 11.96
CA VAL B 154 20.52 -2.50 11.72
C VAL B 154 20.19 -2.43 10.23
N LYS B 155 20.38 -3.55 9.54
CA LYS B 155 20.21 -3.62 8.10
C LYS B 155 18.83 -4.06 7.68
N GLN B 156 18.14 -4.87 8.48
CA GLN B 156 16.84 -5.40 8.10
C GLN B 156 15.95 -5.48 9.32
N VAL B 157 14.66 -5.26 9.10
CA VAL B 157 13.61 -5.45 10.09
C VAL B 157 12.65 -6.43 9.45
N LEU B 158 12.46 -7.59 10.09
CA LEU B 158 11.79 -8.69 9.40
C LEU B 158 10.78 -9.35 10.33
N LYS B 159 9.69 -9.80 9.72
CA LYS B 159 8.74 -10.65 10.41
C LYS B 159 9.38 -12.00 10.70
N CYS B 160 9.12 -12.54 11.89
CA CYS B 160 9.60 -13.88 12.20
C CYS B 160 8.55 -14.65 13.00
N ASP B 161 8.64 -15.98 12.89
CA ASP B 161 7.80 -16.92 13.61
C ASP B 161 8.73 -18.07 14.01
N VAL B 162 9.12 -18.13 15.30
CA VAL B 162 10.08 -19.12 15.77
C VAL B 162 9.59 -20.55 15.64
N THR B 163 8.27 -20.77 15.58
CA THR B 163 7.73 -22.13 15.51
C THR B 163 7.72 -22.71 14.09
N GLN B 164 8.29 -22.05 13.09
CA GLN B 164 8.32 -22.55 11.72
C GLN B 164 9.75 -22.83 11.30
N SER B 165 9.95 -23.88 10.50
CA SER B 165 11.30 -24.38 10.32
C SER B 165 12.17 -23.38 9.58
N GLN B 166 11.58 -22.46 8.83
CA GLN B 166 12.27 -21.28 8.31
C GLN B 166 11.68 -20.09 9.05
N PRO B 167 12.23 -19.72 10.21
CA PRO B 167 11.58 -18.68 11.03
C PRO B 167 11.47 -17.32 10.33
N LEU B 168 12.36 -17.03 9.40
CA LEU B 168 12.25 -15.80 8.62
C LEU B 168 11.57 -16.03 7.28
N GLY B 169 10.97 -17.20 7.07
CA GLY B 169 10.31 -17.45 5.79
C GLY B 169 11.34 -17.47 4.68
N ALA B 170 10.93 -16.99 3.51
CA ALA B 170 11.77 -17.09 2.33
C ALA B 170 12.82 -15.99 2.21
N VAL B 171 12.97 -15.12 3.20
CA VAL B 171 13.97 -14.06 3.07
C VAL B 171 15.35 -14.66 3.18
N PRO B 172 16.17 -14.57 2.13
CA PRO B 172 17.51 -15.14 2.18
C PRO B 172 18.43 -14.25 3.01
N LEU B 173 19.22 -14.86 3.88
CA LEU B 173 20.27 -14.18 4.60
C LEU B 173 21.50 -15.08 4.59
N PRO B 174 22.70 -14.50 4.65
CA PRO B 174 23.87 -15.32 4.88
C PRO B 174 23.77 -15.98 6.23
N PRO B 175 24.43 -17.12 6.42
CA PRO B 175 24.48 -17.73 7.75
C PRO B 175 24.99 -16.73 8.77
N ALA B 176 24.28 -16.64 9.90
CA ALA B 176 24.64 -15.67 10.93
C ALA B 176 25.76 -16.22 11.82
N ASP B 177 26.50 -15.29 12.43
CA ASP B 177 27.53 -15.61 13.42
C ASP B 177 26.96 -15.74 14.82
N CYS B 178 25.87 -15.05 15.11
CA CYS B 178 25.21 -15.15 16.39
C CYS B 178 23.71 -14.98 16.16
N VAL B 179 22.93 -15.68 16.98
CA VAL B 179 21.49 -15.45 17.10
C VAL B 179 21.21 -15.04 18.54
N LEU B 180 20.55 -13.91 18.71
CA LEU B 180 20.25 -13.40 20.02
C LEU B 180 18.75 -13.42 20.24
N SER B 181 18.33 -13.69 21.47
CA SER B 181 16.91 -13.78 21.76
C SER B 181 16.70 -13.43 23.22
N THR B 182 16.11 -12.28 23.48
CA THR B 182 15.93 -11.80 24.85
C THR B 182 14.43 -11.84 25.16
N LEU B 183 14.07 -12.58 26.21
CA LEU B 183 12.70 -12.62 26.72
C LEU B 183 11.67 -12.98 25.65
N CYS B 184 11.99 -13.92 24.76
CA CYS B 184 11.05 -14.20 23.68
C CYS B 184 10.55 -15.64 23.72
N LEU B 185 11.45 -16.61 23.64
CA LEU B 185 11.08 -18.03 23.47
C LEU B 185 10.06 -18.48 24.50
N ASP B 186 10.20 -18.06 25.77
CA ASP B 186 9.21 -18.37 26.80
C ASP B 186 7.82 -17.92 26.41
N ALA B 187 7.71 -16.71 25.85
CA ALA B 187 6.41 -16.20 25.47
C ALA B 187 5.87 -16.90 24.24
N ALA B 188 6.75 -17.49 23.42
CA ALA B 188 6.39 -17.90 22.08
C ALA B 188 6.07 -19.39 21.97
N CYS B 189 6.53 -20.21 22.91
CA CYS B 189 6.47 -21.66 22.81
C CYS B 189 5.54 -22.22 23.86
N PRO B 190 4.43 -22.86 23.48
CA PRO B 190 3.47 -23.30 24.49
C PRO B 190 3.87 -24.57 25.24
N ASP B 191 4.98 -25.21 24.86
CA ASP B 191 5.39 -26.43 25.54
C ASP B 191 6.86 -26.69 25.26
N LEU B 192 7.41 -27.66 26.00
CA LEU B 192 8.78 -28.10 25.81
C LEU B 192 9.10 -28.51 24.38
N PRO B 193 8.30 -29.35 23.71
CA PRO B 193 8.67 -29.76 22.33
C PRO B 193 8.73 -28.61 21.34
N THR B 194 7.79 -27.66 21.40
CA THR B 194 7.85 -26.47 20.54
C THR B 194 9.06 -25.61 20.86
N TYR B 195 9.39 -25.50 22.15
CA TYR B 195 10.56 -24.74 22.59
C TYR B 195 11.85 -25.32 22.00
N CYS B 196 12.05 -26.62 22.16
CA CYS B 196 13.24 -27.27 21.62
C CYS B 196 13.26 -27.21 20.10
N ARG B 197 12.09 -27.40 19.48
CA ARG B 197 12.00 -27.24 18.04
C ARG B 197 12.28 -25.81 17.62
N ALA B 198 11.84 -24.83 18.42
CA ALA B 198 12.13 -23.45 18.07
C ALA B 198 13.63 -23.18 18.09
N LEU B 199 14.34 -23.72 19.10
CA LEU B 199 15.80 -23.56 19.15
C LEU B 199 16.46 -24.21 17.95
N ARG B 200 15.88 -25.30 17.45
CA ARG B 200 16.40 -25.94 16.24
C ARG B 200 16.17 -25.04 15.04
N ASN B 201 14.96 -24.51 14.92
CA ASN B 201 14.66 -23.52 13.89
C ASN B 201 15.69 -22.39 13.89
N LEU B 202 15.91 -21.79 15.06
CA LEU B 202 16.92 -20.73 15.16
C LEU B 202 18.28 -21.24 14.71
N GLY B 203 18.55 -22.52 14.93
CA GLY B 203 19.81 -23.08 14.46
C GLY B 203 19.96 -23.02 12.96
N SER B 204 18.85 -23.05 12.23
CA SER B 204 18.95 -23.00 10.77
C SER B 204 19.52 -21.66 10.28
N LEU B 205 19.47 -20.60 11.09
CA LEU B 205 20.01 -19.31 10.66
C LEU B 205 21.49 -19.14 10.97
N LEU B 206 22.09 -20.08 11.69
CA LEU B 206 23.44 -19.93 12.24
C LEU B 206 24.45 -20.76 11.46
N LYS B 207 25.64 -20.19 11.28
CA LYS B 207 26.80 -20.97 10.85
C LYS B 207 27.09 -22.08 11.86
N PRO B 208 27.67 -23.20 11.41
CA PRO B 208 28.24 -24.16 12.37
C PRO B 208 29.28 -23.47 13.26
N GLY B 209 29.23 -23.78 14.54
CA GLY B 209 29.98 -23.03 15.51
C GLY B 209 29.44 -21.65 15.77
N GLY B 210 28.28 -21.31 15.21
CA GLY B 210 27.69 -20.03 15.51
C GLY B 210 27.24 -19.94 16.95
N PHE B 211 27.10 -18.71 17.43
CA PHE B 211 26.71 -18.47 18.80
C PHE B 211 25.22 -18.31 18.96
N LEU B 212 24.70 -18.90 20.03
CA LEU B 212 23.33 -18.73 20.45
C LEU B 212 23.37 -18.12 21.85
N VAL B 213 22.74 -16.96 21.99
CA VAL B 213 22.69 -16.19 23.22
C VAL B 213 21.22 -16.01 23.56
N ILE B 214 20.79 -16.62 24.66
CA ILE B 214 19.40 -16.54 25.11
C ILE B 214 19.36 -15.96 26.51
N MET B 215 18.41 -15.04 26.73
CA MET B 215 18.09 -14.54 28.05
C MET B 215 16.58 -14.56 28.21
N ASP B 216 16.10 -15.14 29.31
CA ASP B 216 14.67 -15.27 29.49
C ASP B 216 14.37 -15.52 30.96
N ALA B 217 13.07 -15.59 31.26
CA ALA B 217 12.60 -15.69 32.63
C ALA B 217 12.53 -17.16 33.05
N LEU B 218 12.63 -17.39 34.35
CA LEU B 218 12.57 -18.75 34.89
C LEU B 218 11.24 -18.93 35.57
N LYS B 219 10.57 -20.04 35.23
CA LYS B 219 9.41 -20.54 35.97
C LYS B 219 8.29 -19.51 35.95
N SER B 220 8.07 -18.94 34.78
CA SER B 220 7.09 -17.90 34.55
C SER B 220 5.92 -18.48 33.78
N SER B 221 4.72 -18.36 34.32
CA SER B 221 3.54 -18.83 33.60
C SER B 221 2.71 -17.70 32.96
N TYR B 222 2.99 -16.44 33.26
CA TYR B 222 2.34 -15.31 32.59
C TYR B 222 3.17 -14.04 32.80
N TYR B 223 2.97 -13.06 31.92
CA TYR B 223 3.44 -11.70 32.15
C TYR B 223 2.35 -10.72 31.76
N MET B 224 2.41 -9.54 32.37
CA MET B 224 1.37 -8.53 32.23
C MET B 224 1.88 -7.36 31.42
N ILE B 225 1.03 -6.83 30.55
CA ILE B 225 1.16 -5.47 30.04
C ILE B 225 -0.07 -4.71 30.54
N GLY B 226 0.08 -3.94 31.60
CA GLY B 226 -1.06 -3.33 32.24
C GLY B 226 -1.96 -4.43 32.76
N GLU B 227 -3.22 -4.46 32.33
CA GLU B 227 -4.12 -5.52 32.73
C GLU B 227 -4.24 -6.64 31.70
N GLN B 228 -3.38 -6.63 30.67
CA GLN B 228 -3.38 -7.67 29.66
C GLN B 228 -2.46 -8.81 30.09
N LYS B 229 -3.00 -10.03 30.14
CA LYS B 229 -2.24 -11.19 30.58
C LYS B 229 -1.85 -12.05 29.38
N PHE B 230 -0.55 -12.32 29.26
CA PHE B 230 -0.01 -13.15 28.20
C PHE B 230 0.62 -14.41 28.78
N SER B 231 0.50 -15.53 28.05
CA SER B 231 1.05 -16.78 28.53
C SER B 231 2.57 -16.76 28.51
N SER B 232 3.17 -17.43 29.50
CA SER B 232 4.59 -17.76 29.46
C SER B 232 4.76 -19.23 29.79
N LEU B 233 5.79 -19.83 29.20
CA LEU B 233 6.11 -21.24 29.43
C LEU B 233 6.99 -21.32 30.66
N PRO B 234 6.52 -21.89 31.76
CA PRO B 234 7.31 -21.85 33.02
C PRO B 234 8.39 -22.94 33.13
N LEU B 235 9.54 -22.67 32.53
CA LEU B 235 10.67 -23.59 32.57
C LEU B 235 11.61 -23.31 33.72
N GLY B 236 12.20 -24.41 34.30
CA GLY B 236 13.30 -24.27 35.23
C GLY B 236 14.62 -24.34 34.47
N ARG B 237 15.72 -24.09 35.19
CA ARG B 237 17.02 -24.05 34.53
C ARG B 237 17.39 -25.39 33.91
N GLU B 238 16.95 -26.51 34.49
CA GLU B 238 17.32 -27.81 33.92
C GLU B 238 16.55 -28.12 32.64
N ALA B 239 15.28 -27.74 32.57
CA ALA B 239 14.56 -27.87 31.31
C ALA B 239 15.22 -27.06 30.21
N VAL B 240 15.72 -25.86 30.54
CA VAL B 240 16.29 -25.00 29.51
C VAL B 240 17.58 -25.62 28.98
N GLU B 241 18.50 -25.95 29.89
CA GLU B 241 19.73 -26.66 29.53
C GLU B 241 19.43 -27.92 28.73
N ALA B 242 18.43 -28.70 29.16
CA ALA B 242 18.10 -29.91 28.41
C ALA B 242 17.59 -29.57 27.02
N ALA B 243 16.74 -28.54 26.92
CA ALA B 243 16.21 -28.17 25.61
C ALA B 243 17.30 -27.68 24.67
N VAL B 244 18.23 -26.87 25.18
CA VAL B 244 19.25 -26.32 24.31
C VAL B 244 20.16 -27.42 23.79
N LYS B 245 20.50 -28.39 24.64
CA LYS B 245 21.42 -29.45 24.23
C LYS B 245 20.78 -30.39 23.21
N GLU B 246 19.51 -30.75 23.43
CA GLU B 246 18.78 -31.55 22.43
C GLU B 246 18.66 -30.82 21.09
N ALA B 247 18.59 -29.49 21.10
CA ALA B 247 18.49 -28.72 19.86
C ALA B 247 19.78 -28.70 19.06
N GLY B 248 20.86 -29.29 19.55
CA GLY B 248 22.11 -29.33 18.83
C GLY B 248 23.13 -28.28 19.21
N TYR B 249 23.14 -27.84 20.46
CA TYR B 249 24.10 -26.85 20.93
C TYR B 249 24.87 -27.39 22.11
N THR B 250 26.05 -26.80 22.35
CA THR B 250 26.82 -27.06 23.54
C THR B 250 26.92 -25.76 24.32
N ILE B 251 26.57 -25.81 25.59
CA ILE B 251 26.53 -24.61 26.41
C ILE B 251 27.94 -24.25 26.85
N GLU B 252 28.30 -22.98 26.74
CA GLU B 252 29.61 -22.53 27.21
C GLU B 252 29.53 -21.88 28.58
N TRP B 253 28.47 -21.11 28.83
CA TRP B 253 28.22 -20.64 30.17
C TRP B 253 26.73 -20.39 30.33
N PHE B 254 26.28 -20.53 31.58
CA PHE B 254 24.86 -20.48 31.91
C PHE B 254 24.77 -19.87 33.30
N GLU B 255 24.05 -18.77 33.40
CA GLU B 255 23.90 -18.00 34.62
C GLU B 255 22.43 -17.90 34.97
N VAL B 256 22.15 -17.87 36.26
CA VAL B 256 20.83 -17.67 36.82
C VAL B 256 20.93 -16.55 37.84
N ILE B 257 19.96 -15.67 37.87
CA ILE B 257 19.90 -14.68 38.93
C ILE B 257 18.55 -14.80 39.60
N SER B 258 18.50 -14.41 40.87
CA SER B 258 17.28 -14.55 41.64
C SER B 258 16.36 -13.36 41.49
N GLN B 259 16.85 -12.22 40.99
CA GLN B 259 15.99 -11.06 40.75
C GLN B 259 14.85 -11.41 39.82
N SER B 260 13.62 -11.08 40.23
CA SER B 260 12.46 -11.32 39.40
C SER B 260 11.64 -10.05 39.21
N TYR B 261 10.74 -10.09 38.25
CA TYR B 261 9.84 -8.96 38.03
C TYR B 261 8.99 -8.73 39.26
N SER B 262 8.48 -7.51 39.40
CA SER B 262 7.56 -7.31 40.50
C SER B 262 6.30 -8.13 40.28
N SER B 263 5.60 -8.41 41.38
CA SER B 263 4.55 -9.42 41.34
C SER B 263 3.40 -9.04 40.41
N THR B 264 3.20 -7.75 40.18
CA THR B 264 2.15 -7.29 39.27
C THR B 264 2.52 -7.45 37.79
N MET B 265 3.76 -7.79 37.45
CA MET B 265 4.13 -7.92 36.05
C MET B 265 4.25 -9.37 35.59
N ALA B 266 4.85 -10.23 36.40
CA ALA B 266 5.04 -11.62 36.03
C ALA B 266 5.32 -12.43 37.28
N ASN B 267 5.07 -13.74 37.19
CA ASN B 267 5.34 -14.61 38.33
C ASN B 267 6.65 -15.38 38.15
N ASN B 268 7.67 -14.74 37.59
CA ASN B 268 8.90 -15.47 37.39
C ASN B 268 9.65 -15.63 38.70
N GLU B 269 10.52 -16.64 38.72
CA GLU B 269 11.42 -16.89 39.83
C GLU B 269 12.83 -16.82 39.26
N GLY B 270 13.29 -15.61 39.00
CA GLY B 270 14.62 -15.39 38.45
C GLY B 270 14.63 -15.29 36.95
N LEU B 271 15.84 -15.10 36.41
CA LEU B 271 16.06 -15.09 34.98
C LEU B 271 17.34 -15.87 34.71
N PHE B 272 17.48 -16.36 33.49
CA PHE B 272 18.70 -17.03 33.06
C PHE B 272 19.29 -16.32 31.85
N SER B 273 20.59 -16.53 31.67
CA SER B 273 21.34 -16.11 30.49
C SER B 273 22.22 -17.28 30.11
N LEU B 274 22.33 -17.53 28.82
CA LEU B 274 23.26 -18.55 28.36
C LEU B 274 23.86 -18.14 27.02
N VAL B 275 25.07 -18.64 26.82
CA VAL B 275 25.80 -18.61 25.56
C VAL B 275 26.09 -20.05 25.18
N ALA B 276 25.72 -20.42 23.94
CA ALA B 276 25.89 -21.77 23.41
C ALA B 276 26.47 -21.68 22.00
N ARG B 277 26.91 -22.82 21.47
CA ARG B 277 27.47 -22.89 20.12
C ARG B 277 26.88 -24.08 19.39
N LYS B 278 26.47 -23.84 18.14
CA LYS B 278 25.87 -24.87 17.31
C LYS B 278 26.90 -25.94 17.00
N LEU B 279 26.62 -27.19 17.35
CA LEU B 279 27.63 -28.25 17.39
C LEU B 279 28.10 -28.63 15.99
N SER B 280 29.24 -29.31 15.95
CA SER B 280 29.80 -29.86 14.71
C SER B 280 28.82 -30.84 14.09
N ARG B 281 28.07 -30.38 13.08
CA ARG B 281 27.04 -31.17 12.43
C ARG B 281 25.93 -31.56 13.38
N ASN C 35 42.23 11.13 -1.26
CA ASN C 35 43.19 12.21 -1.47
C ASN C 35 42.57 13.37 -2.24
N PRO C 36 42.57 14.56 -1.64
CA PRO C 36 41.76 15.66 -2.21
C PRO C 36 42.19 16.08 -3.60
N ARG C 37 43.48 16.20 -3.86
CA ARG C 37 43.92 16.65 -5.18
C ARG C 37 43.50 15.67 -6.26
N ASP C 38 43.70 14.37 -6.02
CA ASP C 38 43.28 13.34 -6.97
C ASP C 38 41.82 13.51 -7.36
N TYR C 39 40.96 13.82 -6.39
CA TYR C 39 39.57 14.11 -6.71
C TYR C 39 39.47 15.32 -7.62
N LEU C 40 40.18 16.40 -7.27
CA LEU C 40 40.14 17.61 -8.10
C LEU C 40 40.64 17.33 -9.50
N GLU C 41 41.75 16.58 -9.62
CA GLU C 41 42.25 16.22 -10.94
C GLU C 41 41.22 15.47 -11.75
N LYS C 42 40.54 14.50 -11.15
CA LYS C 42 39.69 13.62 -11.95
C LYS C 42 38.32 14.21 -12.23
N TYR C 43 37.74 14.98 -11.31
CA TYR C 43 36.36 15.43 -11.49
C TYR C 43 36.25 16.86 -11.97
N TYR C 44 37.30 17.66 -11.78
CA TYR C 44 37.25 19.08 -12.12
C TYR C 44 38.42 19.46 -13.03
N LYS C 45 39.00 18.47 -13.70
CA LYS C 45 39.97 18.65 -14.78
C LYS C 45 39.38 19.53 -15.89
N PHE C 46 40.26 20.19 -16.64
CA PHE C 46 39.84 21.07 -17.72
C PHE C 46 40.59 20.73 -19.00
N GLY C 47 40.19 21.37 -20.09
CA GLY C 47 40.82 21.15 -21.38
C GLY C 47 40.12 21.86 -22.51
N HIS C 50 32.73 18.98 -23.81
CA HIS C 50 33.52 17.93 -24.44
C HIS C 50 33.41 16.63 -23.66
N SER C 51 33.63 16.68 -22.35
CA SER C 51 33.62 15.51 -21.49
C SER C 51 32.38 15.48 -20.61
N ALA C 52 31.94 14.27 -20.27
CA ALA C 52 30.78 14.11 -19.41
C ALA C 52 30.95 14.90 -18.12
N GLU C 53 32.16 14.90 -17.57
CA GLU C 53 32.43 15.62 -16.33
C GLU C 53 32.35 17.13 -16.53
N SER C 54 32.89 17.62 -17.65
CA SER C 54 32.72 19.03 -17.96
C SER C 54 31.25 19.40 -18.03
N GLN C 55 30.45 18.58 -18.73
CA GLN C 55 29.04 18.91 -18.90
C GLN C 55 28.31 18.90 -17.57
N ILE C 56 28.61 17.94 -16.68
CA ILE C 56 27.97 17.92 -15.37
C ILE C 56 28.29 19.18 -14.60
N LEU C 57 29.57 19.60 -14.61
CA LEU C 57 29.97 20.79 -13.87
C LEU C 57 29.24 22.02 -14.37
N LYS C 58 29.20 22.20 -15.70
CA LYS C 58 28.49 23.34 -16.28
C LYS C 58 27.04 23.35 -15.84
N HIS C 59 26.35 22.20 -15.89
CA HIS C 59 24.96 22.19 -15.46
C HIS C 59 24.83 22.46 -13.97
N LEU C 60 25.80 22.00 -13.17
CA LEU C 60 25.81 22.35 -11.76
C LEU C 60 25.90 23.86 -11.59
N LEU C 61 26.84 24.49 -12.30
CA LEU C 61 27.05 25.93 -12.17
C LEU C 61 25.81 26.71 -12.61
N LYS C 62 25.11 26.21 -13.63
CA LYS C 62 23.96 26.96 -14.14
C LYS C 62 22.78 26.84 -13.19
N ASN C 63 22.59 25.68 -12.58
CA ASN C 63 21.50 25.53 -11.62
C ASN C 63 21.73 26.38 -10.36
N LEU C 64 22.98 26.47 -9.92
CA LEU C 64 23.24 27.28 -8.73
C LEU C 64 23.09 28.76 -9.05
N PHE C 65 23.56 29.18 -10.23
CA PHE C 65 23.30 30.55 -10.67
C PHE C 65 21.80 30.82 -10.65
N LYS C 66 21.01 29.91 -11.21
CA LYS C 66 19.56 30.08 -11.22
C LYS C 66 18.99 30.17 -9.81
N ILE C 67 19.44 29.26 -8.94
CA ILE C 67 18.89 29.19 -7.59
C ILE C 67 19.19 30.46 -6.81
N PHE C 68 20.44 30.91 -6.88
CA PHE C 68 20.87 31.97 -5.97
C PHE C 68 20.77 33.36 -6.58
N CYS C 69 20.80 33.49 -7.90
CA CYS C 69 20.86 34.80 -8.53
C CYS C 69 19.59 35.20 -9.27
N LEU C 70 18.95 34.27 -9.99
CA LEU C 70 17.66 34.60 -10.62
C LEU C 70 16.50 34.35 -9.67
N ASP C 71 16.51 33.20 -9.00
CA ASP C 71 15.54 32.92 -7.95
C ASP C 71 15.90 33.70 -6.68
N GLY C 72 14.99 33.64 -5.71
CA GLY C 72 15.16 34.41 -4.49
C GLY C 72 15.64 33.58 -3.32
N VAL C 73 16.78 32.92 -3.48
CA VAL C 73 17.44 32.22 -2.37
C VAL C 73 18.61 33.09 -1.93
N LYS C 74 18.40 33.81 -0.84
CA LYS C 74 19.38 34.75 -0.31
C LYS C 74 19.23 34.76 1.21
N GLY C 75 20.23 35.30 1.89
CA GLY C 75 20.10 35.45 3.32
C GLY C 75 21.39 35.90 3.96
N ASP C 76 21.42 35.76 5.28
CA ASP C 76 22.57 36.16 6.08
C ASP C 76 23.59 35.04 6.26
N LEU C 77 23.15 33.79 6.36
CA LEU C 77 24.09 32.70 6.62
C LEU C 77 23.74 31.50 5.76
N LEU C 78 24.72 31.05 4.98
CA LEU C 78 24.68 29.83 4.20
C LEU C 78 25.69 28.84 4.75
N ILE C 79 25.28 27.59 4.88
CA ILE C 79 26.18 26.52 5.31
C ILE C 79 26.25 25.51 4.18
N ASP C 80 27.46 25.23 3.70
CA ASP C 80 27.69 24.20 2.70
C ASP C 80 28.17 22.93 3.39
N ILE C 81 27.55 21.81 3.04
CA ILE C 81 27.76 20.55 3.75
C ILE C 81 28.38 19.55 2.80
N GLY C 82 29.50 18.96 3.21
CA GLY C 82 30.25 18.07 2.33
C GLY C 82 31.01 18.79 1.24
N SER C 83 31.46 20.02 1.51
CA SER C 83 32.21 20.84 0.56
C SER C 83 33.34 20.09 -0.13
N GLY C 84 33.92 19.09 0.53
CA GLY C 84 35.13 18.49 0.05
C GLY C 84 36.20 19.55 -0.14
N PRO C 85 37.04 19.38 -1.16
CA PRO C 85 38.06 20.38 -1.47
C PRO C 85 37.62 21.45 -2.45
N THR C 86 36.34 21.55 -2.79
CA THR C 86 35.88 22.35 -3.92
C THR C 86 35.18 23.61 -3.45
N ILE C 87 35.20 24.62 -4.32
CA ILE C 87 34.55 25.91 -4.05
C ILE C 87 33.55 26.29 -5.13
N TYR C 88 33.44 25.50 -6.21
CA TYR C 88 32.60 25.92 -7.33
C TYR C 88 31.16 26.16 -6.89
N GLN C 89 30.66 25.33 -5.97
CA GLN C 89 29.28 25.44 -5.51
C GLN C 89 29.02 26.68 -4.67
N LEU C 90 30.05 27.50 -4.38
CA LEU C 90 29.88 28.72 -3.60
C LEU C 90 29.94 29.98 -4.43
N LEU C 91 30.14 29.87 -5.74
CA LEU C 91 30.45 31.05 -6.54
C LEU C 91 29.25 31.97 -6.70
N SER C 92 28.06 31.41 -7.00
CA SER C 92 26.88 32.24 -7.07
C SER C 92 26.31 32.53 -5.68
N ALA C 93 26.46 31.57 -4.77
CA ALA C 93 25.90 31.69 -3.43
C ALA C 93 26.46 32.90 -2.69
N CYS C 94 27.75 33.20 -2.87
CA CYS C 94 28.35 34.35 -2.20
C CYS C 94 27.80 35.68 -2.71
N GLU C 95 27.10 35.68 -3.86
CA GLU C 95 26.39 36.87 -4.29
C GLU C 95 25.11 37.11 -3.49
N SER C 96 24.62 36.08 -2.80
CA SER C 96 23.33 36.14 -2.13
C SER C 96 23.41 35.94 -0.63
N PHE C 97 24.52 35.48 -0.09
CA PHE C 97 24.66 35.24 1.35
C PHE C 97 25.84 36.03 1.88
N LYS C 98 25.58 36.83 2.92
CA LYS C 98 26.63 37.64 3.52
C LYS C 98 27.79 36.79 4.04
N GLU C 99 27.49 35.63 4.63
CA GLU C 99 28.49 34.79 5.25
C GLU C 99 28.26 33.32 4.92
N ILE C 100 29.35 32.58 4.72
CA ILE C 100 29.29 31.19 4.30
C ILE C 100 30.17 30.36 5.22
N VAL C 101 29.67 29.19 5.61
CA VAL C 101 30.43 28.22 6.40
C VAL C 101 30.59 26.98 5.55
N VAL C 102 31.82 26.52 5.41
CA VAL C 102 32.12 25.35 4.59
C VAL C 102 32.54 24.22 5.52
N THR C 103 32.01 23.03 5.27
CA THR C 103 32.16 21.91 6.18
C THR C 103 32.45 20.66 5.37
N ASP C 104 33.14 19.72 6.00
CA ASP C 104 33.31 18.41 5.40
C ASP C 104 33.74 17.43 6.48
N TYR C 105 33.68 16.16 6.12
CA TYR C 105 34.07 15.09 7.01
C TYR C 105 35.59 14.96 7.10
N SER C 106 36.29 15.18 6.00
CA SER C 106 37.73 14.94 5.94
C SER C 106 38.51 16.23 6.19
N ASP C 107 39.36 16.22 7.23
CA ASP C 107 40.22 17.37 7.50
C ASP C 107 41.20 17.60 6.37
N GLN C 108 41.61 16.53 5.69
CA GLN C 108 42.49 16.65 4.54
C GLN C 108 41.79 17.41 3.40
N ASN C 109 40.50 17.13 3.17
CA ASN C 109 39.74 17.91 2.20
C ASN C 109 39.66 19.38 2.61
N LEU C 110 39.56 19.64 3.91
CA LEU C 110 39.43 21.03 4.37
C LEU C 110 40.77 21.76 4.29
N GLN C 111 41.88 21.06 4.51
CA GLN C 111 43.17 21.67 4.25
C GLN C 111 43.25 22.12 2.80
N GLU C 112 42.73 21.30 1.88
CA GLU C 112 42.79 21.63 0.46
C GLU C 112 41.94 22.85 0.14
N LEU C 113 40.77 22.96 0.76
CA LEU C 113 39.95 24.16 0.64
C LEU C 113 40.73 25.38 1.07
N GLU C 114 41.37 25.30 2.25
CA GLU C 114 42.03 26.46 2.84
C GLU C 114 43.21 26.92 2.00
N LYS C 115 43.85 26.01 1.27
CA LYS C 115 44.94 26.42 0.39
C LYS C 115 44.44 27.40 -0.66
N TRP C 116 43.24 27.19 -1.18
CA TRP C 116 42.67 28.12 -2.14
C TRP C 116 42.18 29.38 -1.44
N LEU C 117 41.59 29.24 -0.25
CA LEU C 117 41.12 30.41 0.49
C LEU C 117 42.27 31.33 0.87
N LYS C 118 43.43 30.76 1.20
CA LYS C 118 44.61 31.59 1.46
C LYS C 118 45.39 31.89 0.19
N ALA C 119 44.89 31.45 -0.97
CA ALA C 119 45.48 31.76 -2.28
C ALA C 119 46.96 31.33 -2.38
N ALA C 120 47.22 30.09 -1.98
CA ALA C 120 48.57 29.55 -2.10
C ALA C 120 48.88 29.26 -3.57
N PRO C 121 50.16 29.40 -3.97
CA PRO C 121 50.48 29.21 -5.40
C PRO C 121 50.13 27.83 -5.91
N ALA C 122 50.36 26.81 -5.10
CA ALA C 122 50.03 25.44 -5.48
C ALA C 122 48.52 25.15 -5.44
N ALA C 123 47.70 26.03 -4.87
CA ALA C 123 46.27 25.76 -4.74
C ALA C 123 45.63 25.48 -6.11
N PHE C 124 44.50 24.77 -6.07
CA PHE C 124 43.84 24.38 -7.30
C PHE C 124 43.45 25.60 -8.12
N ASP C 125 43.57 25.47 -9.44
CA ASP C 125 43.25 26.56 -10.34
C ASP C 125 41.76 26.51 -10.68
N TRP C 126 40.97 27.41 -10.09
CA TRP C 126 39.54 27.49 -10.34
C TRP C 126 39.18 28.64 -11.29
N SER C 127 40.16 29.35 -11.83
CA SER C 127 39.86 30.52 -12.65
C SER C 127 39.01 30.21 -13.89
N PRO C 128 39.22 29.13 -14.64
CA PRO C 128 38.27 28.84 -15.72
C PRO C 128 36.85 28.66 -15.21
N VAL C 129 36.68 28.08 -14.02
CA VAL C 129 35.34 27.99 -13.46
C VAL C 129 34.86 29.34 -12.96
N VAL C 130 35.75 30.12 -12.33
CA VAL C 130 35.37 31.47 -11.93
C VAL C 130 34.96 32.29 -13.14
N THR C 131 35.68 32.13 -14.26
CA THR C 131 35.35 32.83 -15.49
C THR C 131 33.95 32.49 -15.97
N TYR C 132 33.62 31.20 -15.99
CA TYR C 132 32.34 30.77 -16.53
C TYR C 132 31.17 31.26 -15.70
N VAL C 133 31.33 31.36 -14.38
CA VAL C 133 30.25 31.88 -13.55
C VAL C 133 30.10 33.38 -13.75
N CYS C 134 31.23 34.08 -13.88
CA CYS C 134 31.19 35.52 -14.12
C CYS C 134 30.41 35.83 -15.38
N ASP C 135 30.62 35.07 -16.45
CA ASP C 135 29.91 35.27 -17.71
C ASP C 135 28.42 34.96 -17.56
N LEU C 136 28.09 33.90 -16.83
CA LEU C 136 26.68 33.64 -16.53
C LEU C 136 26.06 34.83 -15.83
N GLU C 137 26.83 35.51 -14.99
CA GLU C 137 26.34 36.64 -14.21
C GLU C 137 26.34 37.94 -15.00
N GLY C 138 26.55 37.87 -16.31
CA GLY C 138 26.52 39.04 -17.16
C GLY C 138 27.82 39.78 -17.26
N ASN C 139 28.94 39.15 -16.89
CA ASN C 139 30.24 39.81 -16.84
C ASN C 139 30.17 41.10 -16.04
N ARG C 140 29.16 41.17 -15.16
CA ARG C 140 29.09 42.21 -14.15
C ARG C 140 30.42 42.37 -13.45
N VAL C 141 31.12 41.26 -13.23
CA VAL C 141 32.39 41.25 -12.52
C VAL C 141 33.41 40.53 -13.38
N LYS C 142 34.66 40.67 -13.00
CA LYS C 142 35.69 39.83 -13.55
C LYS C 142 36.16 38.83 -12.48
N GLY C 143 36.97 37.87 -12.93
CA GLY C 143 37.48 36.81 -12.09
C GLY C 143 37.93 37.27 -10.73
N PRO C 144 39.00 38.08 -10.71
CA PRO C 144 39.57 38.50 -9.42
C PRO C 144 38.56 39.09 -8.45
N GLU C 145 37.65 39.94 -8.92
CA GLU C 145 36.62 40.47 -8.03
C GLU C 145 35.74 39.34 -7.49
N LYS C 146 35.43 38.35 -8.32
CA LYS C 146 34.59 37.25 -7.89
C LYS C 146 35.29 36.41 -6.82
N GLU C 147 36.57 36.11 -7.05
CA GLU C 147 37.31 35.27 -6.12
C GLU C 147 37.45 35.94 -4.76
N GLU C 148 37.63 37.27 -4.74
CA GLU C 148 37.77 37.95 -3.45
C GLU C 148 36.45 38.04 -2.71
N LYS C 149 35.33 38.18 -3.42
CA LYS C 149 34.06 38.19 -2.71
C LYS C 149 33.77 36.85 -2.07
N LEU C 150 34.24 35.75 -2.66
CA LEU C 150 34.06 34.44 -2.05
C LEU C 150 34.94 34.27 -0.83
N ARG C 151 36.23 34.62 -0.95
CA ARG C 151 37.14 34.50 0.17
C ARG C 151 36.66 35.32 1.36
N GLN C 152 36.14 36.52 1.12
CA GLN C 152 35.66 37.31 2.23
C GLN C 152 34.42 36.70 2.87
N ALA C 153 33.57 36.05 2.07
CA ALA C 153 32.30 35.55 2.59
C ALA C 153 32.51 34.31 3.43
N VAL C 154 33.45 33.45 3.04
CA VAL C 154 33.72 32.22 3.78
C VAL C 154 34.28 32.60 5.14
N LYS C 155 33.49 32.37 6.20
CA LYS C 155 33.88 32.80 7.53
C LYS C 155 34.38 31.68 8.43
N GLN C 156 34.02 30.43 8.14
CA GLN C 156 34.45 29.34 9.00
C GLN C 156 34.60 28.08 8.17
N VAL C 157 35.60 27.28 8.52
CA VAL C 157 35.91 26.02 7.85
C VAL C 157 35.83 24.94 8.92
N LEU C 158 34.76 24.13 8.88
CA LEU C 158 34.43 23.30 10.02
C LEU C 158 34.40 21.82 9.64
N LYS C 159 34.71 20.97 10.63
CA LYS C 159 34.52 19.54 10.50
C LYS C 159 33.05 19.21 10.72
N CYS C 160 32.52 18.25 9.96
CA CYS C 160 31.11 17.94 10.13
C CYS C 160 30.85 16.48 9.83
N ASP C 161 29.71 15.99 10.30
CA ASP C 161 29.26 14.62 10.05
C ASP C 161 27.76 14.66 9.94
N VAL C 162 27.23 14.40 8.73
CA VAL C 162 25.79 14.53 8.50
C VAL C 162 24.98 13.47 9.23
N THR C 163 25.58 12.35 9.64
CA THR C 163 24.82 11.31 10.32
C THR C 163 24.63 11.59 11.81
N GLN C 164 25.32 12.57 12.36
CA GLN C 164 25.14 12.90 13.77
C GLN C 164 24.02 13.90 13.95
N SER C 165 23.33 13.80 15.09
CA SER C 165 22.22 14.70 15.37
C SER C 165 22.67 16.15 15.46
N GLN C 166 23.90 16.38 15.95
CA GLN C 166 24.59 17.67 15.82
C GLN C 166 25.66 17.53 14.75
N PRO C 167 25.36 17.82 13.48
CA PRO C 167 26.36 17.60 12.42
C PRO C 167 27.67 18.35 12.59
N LEU C 168 27.67 19.44 13.35
CA LEU C 168 28.90 20.19 13.59
C LEU C 168 29.46 19.97 14.99
N GLY C 169 28.92 19.01 15.74
CA GLY C 169 29.40 18.80 17.10
C GLY C 169 29.06 19.97 18.00
N ALA C 170 30.01 20.35 18.85
CA ALA C 170 29.81 21.39 19.85
C ALA C 170 30.07 22.80 19.34
N VAL C 171 30.50 22.96 18.09
CA VAL C 171 30.64 24.27 17.50
C VAL C 171 29.24 24.84 17.30
N PRO C 172 28.91 25.98 17.91
CA PRO C 172 27.60 26.61 17.70
C PRO C 172 27.60 27.53 16.49
N LEU C 173 26.43 27.62 15.87
CA LEU C 173 26.21 28.55 14.77
C LEU C 173 24.80 29.10 14.89
N PRO C 174 24.60 30.37 14.58
CA PRO C 174 23.24 30.93 14.49
C PRO C 174 22.39 30.14 13.51
N PRO C 175 21.06 30.21 13.63
CA PRO C 175 20.19 29.46 12.72
C PRO C 175 20.34 29.98 11.30
N ALA C 176 20.50 29.05 10.37
CA ALA C 176 20.96 29.44 9.04
C ALA C 176 19.80 29.68 8.10
N ASP C 177 20.03 30.54 7.11
CA ASP C 177 19.02 30.80 6.08
C ASP C 177 18.97 29.68 5.05
N CYS C 178 20.12 29.09 4.75
CA CYS C 178 20.20 28.09 3.70
C CYS C 178 21.27 27.07 4.07
N VAL C 179 20.97 25.81 3.79
CA VAL C 179 21.95 24.73 3.86
C VAL C 179 22.10 24.16 2.46
N LEU C 180 23.33 24.00 2.02
CA LEU C 180 23.61 23.54 0.67
C LEU C 180 24.49 22.29 0.75
N SER C 181 24.16 21.30 -0.06
CA SER C 181 24.97 20.08 -0.12
C SER C 181 24.98 19.57 -1.55
N THR C 182 26.17 19.51 -2.15
CA THR C 182 26.32 18.96 -3.49
C THR C 182 27.17 17.70 -3.45
N LEU C 183 26.63 16.62 -4.02
CA LEU C 183 27.32 15.33 -4.17
C LEU C 183 27.83 14.76 -2.84
N CYS C 184 27.19 15.08 -1.73
CA CYS C 184 27.67 14.59 -0.44
C CYS C 184 26.82 13.45 0.10
N LEU C 185 25.50 13.65 0.26
CA LEU C 185 24.70 12.72 1.07
C LEU C 185 24.67 11.32 0.49
N ASP C 186 24.65 11.16 -0.85
CA ASP C 186 24.74 9.82 -1.43
C ASP C 186 25.99 9.07 -0.98
N ALA C 187 27.13 9.77 -0.92
CA ALA C 187 28.36 9.16 -0.45
C ALA C 187 28.37 8.92 1.06
N ALA C 188 27.57 9.65 1.83
CA ALA C 188 27.68 9.60 3.27
C ALA C 188 26.75 8.59 3.89
N CYS C 189 25.70 8.19 3.19
CA CYS C 189 24.64 7.39 3.80
C CYS C 189 24.63 5.99 3.20
N PRO C 190 24.85 4.96 4.02
CA PRO C 190 24.87 3.58 3.50
C PRO C 190 23.49 2.99 3.30
N ASP C 191 22.43 3.70 3.66
CA ASP C 191 21.07 3.23 3.43
C ASP C 191 20.13 4.42 3.47
N LEU C 192 18.90 4.16 3.03
CA LEU C 192 17.86 5.20 2.94
C LEU C 192 17.43 5.77 4.30
N PRO C 193 17.30 4.94 5.37
CA PRO C 193 16.97 5.56 6.66
C PRO C 193 18.03 6.52 7.14
N THR C 194 19.30 6.16 6.99
CA THR C 194 20.38 7.10 7.29
C THR C 194 20.23 8.38 6.46
N TYR C 195 19.90 8.24 5.17
CA TYR C 195 19.71 9.38 4.29
C TYR C 195 18.66 10.33 4.85
N CYS C 196 17.52 9.77 5.24
CA CYS C 196 16.45 10.56 5.84
C CYS C 196 16.91 11.21 7.13
N ARG C 197 17.55 10.42 8.01
CA ARG C 197 18.10 10.95 9.26
C ARG C 197 19.05 12.11 9.00
N ALA C 198 19.94 11.94 8.02
CA ALA C 198 20.87 13.01 7.69
C ALA C 198 20.14 14.29 7.32
N LEU C 199 19.10 14.19 6.49
CA LEU C 199 18.35 15.38 6.12
C LEU C 199 17.75 16.07 7.34
N ARG C 200 17.29 15.28 8.33
CA ARG C 200 16.76 15.90 9.54
C ARG C 200 17.88 16.52 10.37
N ASN C 201 19.01 15.82 10.48
CA ASN C 201 20.15 16.40 11.19
C ASN C 201 20.51 17.75 10.60
N LEU C 202 20.59 17.83 9.27
CA LEU C 202 20.88 19.08 8.60
C LEU C 202 19.81 20.13 8.90
N GLY C 203 18.56 19.72 9.01
CA GLY C 203 17.50 20.68 9.34
C GLY C 203 17.74 21.40 10.66
N SER C 204 18.39 20.75 11.62
CA SER C 204 18.62 21.38 12.92
C SER C 204 19.52 22.60 12.79
N LEU C 205 20.23 22.75 11.68
CA LEU C 205 21.01 23.96 11.43
C LEU C 205 20.20 25.06 10.77
N LEU C 206 18.93 24.80 10.46
CA LEU C 206 18.11 25.63 9.57
C LEU C 206 16.99 26.33 10.35
N LYS C 207 16.77 27.61 10.06
CA LYS C 207 15.59 28.28 10.57
C LYS C 207 14.34 27.59 10.02
N PRO C 208 13.23 27.64 10.74
CA PRO C 208 11.96 27.29 10.10
C PRO C 208 11.76 28.20 8.91
N GLY C 209 11.35 27.61 7.78
CA GLY C 209 11.26 28.35 6.54
C GLY C 209 12.58 28.58 5.81
N GLY C 210 13.70 28.10 6.34
CA GLY C 210 14.95 28.21 5.62
C GLY C 210 15.03 27.24 4.44
N PHE C 211 15.95 27.54 3.52
CA PHE C 211 16.10 26.78 2.28
C PHE C 211 17.02 25.58 2.47
N LEU C 212 16.64 24.47 1.87
CA LEU C 212 17.53 23.33 1.66
C LEU C 212 17.75 23.14 0.16
N VAL C 213 19.01 23.18 -0.26
CA VAL C 213 19.42 23.03 -1.66
C VAL C 213 20.34 21.82 -1.79
N ILE C 214 19.92 20.82 -2.54
CA ILE C 214 20.70 19.59 -2.67
C ILE C 214 20.81 19.20 -4.12
N MET C 215 22.03 18.85 -4.53
CA MET C 215 22.29 18.27 -5.84
C MET C 215 23.13 17.02 -5.62
N ASP C 216 22.72 15.91 -6.23
CA ASP C 216 23.47 14.67 -6.03
C ASP C 216 23.19 13.70 -7.18
N ALA C 217 23.84 12.55 -7.10
CA ALA C 217 23.76 11.53 -8.13
C ALA C 217 22.50 10.69 -7.96
N LEU C 218 22.04 10.13 -9.06
CA LEU C 218 20.90 9.22 -9.07
C LEU C 218 21.36 7.84 -9.45
N LYS C 219 20.91 6.85 -8.67
CA LYS C 219 21.15 5.43 -8.98
C LYS C 219 22.65 5.13 -9.12
N SER C 220 23.46 5.78 -8.30
CA SER C 220 24.89 5.52 -8.26
C SER C 220 25.22 4.65 -7.04
N SER C 221 25.87 3.50 -7.27
CA SER C 221 26.34 2.66 -6.19
C SER C 221 27.83 2.81 -5.90
N TYR C 222 28.61 3.37 -6.83
CA TYR C 222 30.02 3.62 -6.55
C TYR C 222 30.49 4.84 -7.33
N TYR C 223 31.56 5.45 -6.84
CA TYR C 223 32.31 6.41 -7.65
C TYR C 223 33.79 6.18 -7.43
N MET C 224 34.59 6.44 -8.47
CA MET C 224 36.02 6.16 -8.48
C MET C 224 36.85 7.41 -8.27
N ILE C 225 37.88 7.30 -7.44
CA ILE C 225 38.96 8.28 -7.41
C ILE C 225 40.25 7.52 -7.69
N GLY C 226 40.74 7.61 -8.94
CA GLY C 226 41.83 6.77 -9.40
C GLY C 226 41.31 5.36 -9.55
N GLU C 227 41.94 4.41 -8.85
CA GLU C 227 41.43 3.05 -8.75
C GLU C 227 40.82 2.77 -7.39
N GLN C 228 40.74 3.77 -6.51
CA GLN C 228 40.05 3.64 -5.24
C GLN C 228 38.55 3.81 -5.48
N LYS C 229 37.78 2.76 -5.20
CA LYS C 229 36.33 2.75 -5.36
C LYS C 229 35.64 3.06 -4.04
N PHE C 230 34.75 4.05 -4.05
CA PHE C 230 33.96 4.42 -2.88
C PHE C 230 32.49 4.07 -3.09
N SER C 231 31.80 3.81 -1.97
CA SER C 231 30.41 3.42 -1.99
C SER C 231 29.50 4.64 -2.13
N SER C 232 28.33 4.41 -2.72
CA SER C 232 27.29 5.42 -2.87
C SER C 232 25.93 4.74 -2.68
N LEU C 233 25.00 5.45 -2.08
CA LEU C 233 23.62 4.95 -2.03
C LEU C 233 22.93 5.18 -3.38
N PRO C 234 22.55 4.10 -4.10
CA PRO C 234 22.01 4.25 -5.48
C PRO C 234 20.49 4.52 -5.51
N LEU C 235 20.08 5.65 -4.96
CA LEU C 235 18.65 5.88 -4.82
C LEU C 235 18.09 6.58 -6.05
N GLY C 236 16.81 6.27 -6.35
CA GLY C 236 16.08 6.92 -7.40
C GLY C 236 15.40 8.19 -6.89
N ARG C 237 14.83 8.95 -7.84
CA ARG C 237 14.22 10.23 -7.51
C ARG C 237 13.04 10.07 -6.54
N GLU C 238 12.24 9.00 -6.67
CA GLU C 238 11.11 8.86 -5.75
C GLU C 238 11.59 8.69 -4.33
N ALA C 239 12.68 7.93 -4.14
CA ALA C 239 13.23 7.77 -2.80
C ALA C 239 13.76 9.09 -2.26
N VAL C 240 14.36 9.92 -3.11
CA VAL C 240 14.82 11.23 -2.65
C VAL C 240 13.64 12.05 -2.14
N GLU C 241 12.58 12.12 -2.96
CA GLU C 241 11.38 12.86 -2.57
C GLU C 241 10.85 12.35 -1.23
N ALA C 242 10.74 11.02 -1.10
CA ALA C 242 10.20 10.44 0.12
C ALA C 242 11.08 10.76 1.32
N ALA C 243 12.40 10.67 1.16
CA ALA C 243 13.28 10.99 2.28
C ALA C 243 13.15 12.47 2.67
N VAL C 244 13.06 13.37 1.68
CA VAL C 244 13.04 14.80 1.98
C VAL C 244 11.74 15.16 2.71
N LYS C 245 10.60 14.76 2.16
CA LYS C 245 9.32 14.98 2.84
C LYS C 245 9.33 14.43 4.25
N GLU C 246 9.77 13.17 4.42
CA GLU C 246 9.75 12.58 5.75
C GLU C 246 10.67 13.32 6.72
N ALA C 247 11.75 13.91 6.24
CA ALA C 247 12.63 14.60 7.17
C ALA C 247 12.10 15.97 7.59
N GLY C 248 10.89 16.34 7.16
CA GLY C 248 10.27 17.58 7.56
C GLY C 248 10.41 18.74 6.59
N TYR C 249 10.51 18.48 5.30
CA TYR C 249 10.65 19.54 4.31
C TYR C 249 9.52 19.44 3.31
N THR C 250 9.18 20.59 2.71
CA THR C 250 8.31 20.66 1.55
C THR C 250 9.14 21.11 0.35
N ILE C 251 8.96 20.46 -0.78
CA ILE C 251 9.81 20.67 -1.95
C ILE C 251 9.21 21.78 -2.80
N GLU C 252 10.01 22.81 -3.07
CA GLU C 252 9.57 23.87 -3.98
C GLU C 252 9.85 23.51 -5.44
N TRP C 253 10.97 22.86 -5.71
CA TRP C 253 11.42 22.68 -7.09
C TRP C 253 12.33 21.46 -7.12
N PHE C 254 12.12 20.58 -8.11
CA PHE C 254 12.86 19.32 -8.25
C PHE C 254 13.14 19.09 -9.73
N GLU C 255 14.42 18.92 -10.07
CA GLU C 255 14.87 18.69 -11.43
C GLU C 255 15.75 17.45 -11.49
N VAL C 256 15.65 16.71 -12.58
CA VAL C 256 16.55 15.61 -12.89
C VAL C 256 17.07 15.79 -14.32
N ILE C 257 18.36 15.55 -14.50
CA ILE C 257 18.93 15.50 -15.83
C ILE C 257 19.38 14.08 -16.06
N SER C 258 19.47 13.72 -17.34
CA SER C 258 19.88 12.36 -17.68
C SER C 258 21.40 12.19 -17.75
N GLN C 259 22.16 13.29 -17.92
CA GLN C 259 23.61 13.21 -18.06
C GLN C 259 24.27 12.53 -16.86
N SER C 260 25.16 11.60 -17.13
CA SER C 260 25.85 10.81 -16.13
C SER C 260 27.34 11.08 -16.20
N TYR C 261 28.06 10.69 -15.14
CA TYR C 261 29.50 10.62 -15.24
C TYR C 261 29.89 9.53 -16.24
N SER C 262 31.11 9.60 -16.75
CA SER C 262 31.59 8.54 -17.62
C SER C 262 31.75 7.23 -16.82
N SER C 263 31.82 6.12 -17.55
CA SER C 263 31.81 4.79 -16.94
C SER C 263 32.96 4.59 -15.96
N THR C 264 34.14 5.12 -16.28
CA THR C 264 35.32 4.92 -15.44
C THR C 264 35.22 5.62 -14.08
N MET C 265 34.16 6.38 -13.82
CA MET C 265 34.20 7.19 -12.62
C MET C 265 32.99 7.03 -11.72
N ALA C 266 31.83 6.72 -12.30
CA ALA C 266 30.65 6.45 -11.48
C ALA C 266 29.61 5.79 -12.35
N ASN C 267 28.77 4.95 -11.74
CA ASN C 267 27.69 4.28 -12.45
C ASN C 267 26.34 4.96 -12.25
N ASN C 268 26.32 6.26 -12.01
CA ASN C 268 25.06 6.97 -11.85
C ASN C 268 24.29 7.01 -13.17
N GLU C 269 22.98 7.24 -13.05
CA GLU C 269 22.10 7.52 -14.18
C GLU C 269 21.47 8.87 -13.92
N GLY C 270 22.24 9.91 -14.15
CA GLY C 270 21.75 11.27 -14.02
C GLY C 270 21.97 11.85 -12.64
N LEU C 271 21.50 13.08 -12.50
CA LEU C 271 21.60 13.86 -11.29
C LEU C 271 20.27 14.54 -11.05
N PHE C 272 20.03 14.86 -9.78
CA PHE C 272 18.88 15.64 -9.39
C PHE C 272 19.35 16.92 -8.72
N SER C 273 18.48 17.93 -8.77
CA SER C 273 18.62 19.16 -7.99
C SER C 273 17.26 19.46 -7.38
N LEU C 274 17.25 19.89 -6.14
CA LEU C 274 16.00 20.26 -5.53
C LEU C 274 16.23 21.39 -4.56
N VAL C 275 15.16 22.15 -4.33
CA VAL C 275 15.17 23.20 -3.34
C VAL C 275 13.95 22.97 -2.48
N ALA C 276 14.17 22.84 -1.17
CA ALA C 276 13.09 22.54 -0.25
C ALA C 276 13.09 23.57 0.86
N ARG C 277 11.97 23.64 1.56
CA ARG C 277 11.82 24.55 2.69
C ARG C 277 11.57 23.74 3.95
N LYS C 278 12.22 24.14 5.02
CA LYS C 278 12.02 23.51 6.32
C LYS C 278 10.64 23.87 6.87
N LEU C 279 9.80 22.85 7.07
CA LEU C 279 8.49 23.05 7.70
C LEU C 279 8.64 23.29 9.20
N SER C 280 7.62 23.94 9.77
CA SER C 280 7.55 24.19 11.20
C SER C 280 6.78 23.08 11.91
N ASN D 35 -48.18 7.86 -25.29
CA ASN D 35 -49.17 6.77 -25.17
C ASN D 35 -48.60 5.54 -24.45
N PRO D 36 -49.11 5.27 -23.24
CA PRO D 36 -48.41 4.32 -22.36
C PRO D 36 -48.36 2.89 -22.87
N ARG D 37 -49.41 2.40 -23.54
CA ARG D 37 -49.40 1.02 -24.01
C ARG D 37 -48.49 0.82 -25.22
N ASP D 38 -48.34 1.83 -26.08
CA ASP D 38 -47.40 1.75 -27.18
C ASP D 38 -45.98 1.65 -26.66
N TYR D 39 -45.65 2.46 -25.66
CA TYR D 39 -44.38 2.38 -24.97
C TYR D 39 -44.10 0.96 -24.48
N LEU D 40 -45.07 0.36 -23.79
CA LEU D 40 -44.87 -0.97 -23.19
C LEU D 40 -44.60 -2.01 -24.25
N GLU D 41 -45.44 -2.04 -25.30
CA GLU D 41 -45.26 -3.03 -26.35
C GLU D 41 -43.90 -2.89 -27.02
N LYS D 42 -43.44 -1.65 -27.18
CA LYS D 42 -42.20 -1.41 -27.90
C LYS D 42 -40.98 -1.77 -27.05
N TYR D 43 -40.99 -1.46 -25.74
CA TYR D 43 -39.80 -1.53 -24.92
C TYR D 43 -39.74 -2.73 -23.99
N TYR D 44 -40.87 -3.39 -23.69
CA TYR D 44 -40.86 -4.36 -22.60
C TYR D 44 -41.64 -5.63 -22.91
N LYS D 45 -41.82 -5.97 -24.19
CA LYS D 45 -42.49 -7.20 -24.59
C LYS D 45 -41.47 -8.32 -24.84
N ARG D 49 -37.91 -9.97 -27.83
CA ARG D 49 -37.40 -11.34 -27.68
C ARG D 49 -36.08 -11.49 -28.44
N HIS D 50 -34.97 -11.45 -27.68
CA HIS D 50 -33.61 -11.53 -28.22
C HIS D 50 -33.29 -10.32 -29.11
N SER D 51 -33.41 -9.14 -28.50
CA SER D 51 -33.22 -7.87 -29.17
C SER D 51 -32.44 -6.95 -28.25
N ALA D 52 -31.96 -5.84 -28.80
CA ALA D 52 -31.24 -4.86 -27.98
C ALA D 52 -32.05 -4.47 -26.75
N GLU D 53 -33.36 -4.29 -26.93
CA GLU D 53 -34.21 -3.92 -25.79
C GLU D 53 -34.30 -5.06 -24.78
N SER D 54 -34.45 -6.29 -25.27
CA SER D 54 -34.46 -7.43 -24.37
C SER D 54 -33.16 -7.51 -23.57
N GLN D 55 -32.03 -7.28 -24.23
CA GLN D 55 -30.75 -7.29 -23.52
C GLN D 55 -30.71 -6.20 -22.45
N ILE D 56 -31.12 -4.97 -22.80
CA ILE D 56 -31.10 -3.89 -21.82
C ILE D 56 -32.00 -4.22 -20.62
N LEU D 57 -33.20 -4.73 -20.88
CA LEU D 57 -34.11 -5.03 -19.78
C LEU D 57 -33.48 -6.04 -18.82
N LYS D 58 -32.84 -7.09 -19.36
CA LYS D 58 -32.23 -8.10 -18.50
C LYS D 58 -31.11 -7.50 -17.67
N HIS D 59 -30.32 -6.60 -18.27
CA HIS D 59 -29.29 -5.88 -17.51
C HIS D 59 -29.91 -5.05 -16.39
N LEU D 60 -31.03 -4.38 -16.66
CA LEU D 60 -31.69 -3.59 -15.63
C LEU D 60 -32.13 -4.48 -14.46
N LEU D 61 -32.76 -5.62 -14.76
CA LEU D 61 -33.28 -6.49 -13.71
C LEU D 61 -32.15 -7.11 -12.90
N LYS D 62 -31.05 -7.48 -13.55
CA LYS D 62 -29.93 -8.04 -12.83
C LYS D 62 -29.31 -7.02 -11.89
N ASN D 63 -29.23 -5.77 -12.34
CA ASN D 63 -28.69 -4.74 -11.47
C ASN D 63 -29.64 -4.39 -10.35
N LEU D 64 -30.95 -4.35 -10.64
CA LEU D 64 -31.90 -4.10 -9.57
C LEU D 64 -31.83 -5.20 -8.52
N PHE D 65 -31.85 -6.46 -8.98
CA PHE D 65 -31.68 -7.58 -8.05
C PHE D 65 -30.43 -7.41 -7.21
N LYS D 66 -29.30 -7.09 -7.84
CA LYS D 66 -28.06 -6.93 -7.10
C LYS D 66 -28.18 -5.87 -6.01
N ILE D 67 -28.73 -4.70 -6.37
CA ILE D 67 -28.75 -3.56 -5.45
C ILE D 67 -29.64 -3.84 -4.24
N PHE D 68 -30.81 -4.45 -4.48
CA PHE D 68 -31.79 -4.61 -3.41
C PHE D 68 -31.73 -5.96 -2.71
N CYS D 69 -31.17 -6.99 -3.33
CA CYS D 69 -31.19 -8.31 -2.72
C CYS D 69 -29.81 -8.82 -2.32
N LEU D 70 -28.75 -8.42 -3.03
CA LEU D 70 -27.39 -8.77 -2.63
C LEU D 70 -26.69 -7.64 -1.87
N ASP D 71 -26.86 -6.38 -2.29
CA ASP D 71 -26.18 -5.27 -1.65
C ASP D 71 -26.83 -4.84 -0.33
N GLY D 72 -28.08 -5.22 -0.09
CA GLY D 72 -28.74 -4.80 1.13
C GLY D 72 -29.13 -3.34 1.14
N VAL D 73 -29.63 -2.82 0.03
CA VAL D 73 -30.38 -1.56 0.03
C VAL D 73 -31.80 -1.90 0.46
N LYS D 74 -32.18 -1.48 1.66
CA LYS D 74 -33.43 -1.92 2.27
C LYS D 74 -33.92 -0.82 3.21
N GLY D 75 -35.21 -0.85 3.51
CA GLY D 75 -35.73 0.12 4.45
C GLY D 75 -37.24 0.15 4.43
N ASP D 76 -37.78 1.21 5.04
CA ASP D 76 -39.21 1.35 5.22
C ASP D 76 -39.91 1.80 3.94
N LEU D 77 -39.46 2.91 3.35
CA LEU D 77 -40.17 3.56 2.26
C LEU D 77 -39.21 3.78 1.09
N LEU D 78 -39.61 3.28 -0.08
CA LEU D 78 -38.97 3.58 -1.35
C LEU D 78 -39.94 4.42 -2.19
N ILE D 79 -39.42 5.46 -2.82
CA ILE D 79 -40.22 6.28 -3.73
C ILE D 79 -39.69 6.07 -5.15
N ASP D 80 -40.55 5.56 -6.03
CA ASP D 80 -40.18 5.35 -7.41
C ASP D 80 -40.56 6.58 -8.25
N ILE D 81 -39.56 7.17 -8.90
CA ILE D 81 -39.67 8.47 -9.55
C ILE D 81 -39.67 8.28 -11.06
N GLY D 82 -40.70 8.80 -11.73
CA GLY D 82 -40.87 8.63 -13.17
C GLY D 82 -41.10 7.20 -13.57
N SER D 83 -41.94 6.48 -12.83
CA SER D 83 -42.18 5.07 -13.09
C SER D 83 -42.80 4.81 -14.47
N GLY D 84 -43.42 5.83 -15.08
CA GLY D 84 -44.20 5.60 -16.28
C GLY D 84 -45.28 4.55 -16.06
N PRO D 85 -45.51 3.71 -17.07
CA PRO D 85 -46.45 2.58 -16.94
C PRO D 85 -45.83 1.26 -16.52
N THR D 86 -44.60 1.24 -16.03
CA THR D 86 -43.83 0.01 -15.81
C THR D 86 -43.76 -0.34 -14.32
N ILE D 87 -43.53 -1.63 -14.04
CA ILE D 87 -43.37 -2.11 -12.68
C ILE D 87 -42.11 -2.94 -12.54
N TYR D 88 -41.46 -3.27 -13.66
CA TYR D 88 -40.32 -4.17 -13.62
C TYR D 88 -39.29 -3.71 -12.59
N GLN D 89 -39.14 -2.39 -12.45
CA GLN D 89 -38.14 -1.78 -11.58
C GLN D 89 -38.49 -1.90 -10.09
N LEU D 90 -39.67 -2.40 -9.72
CA LEU D 90 -40.03 -2.59 -8.32
C LEU D 90 -40.05 -4.04 -7.89
N LEU D 91 -39.82 -4.97 -8.82
CA LEU D 91 -39.94 -6.39 -8.52
C LEU D 91 -38.97 -6.80 -7.41
N SER D 92 -37.68 -6.49 -7.57
CA SER D 92 -36.73 -6.80 -6.51
C SER D 92 -36.90 -5.86 -5.31
N ALA D 93 -37.18 -4.58 -5.58
CA ALA D 93 -37.26 -3.58 -4.52
C ALA D 93 -38.30 -3.93 -3.47
N CYS D 94 -39.40 -4.56 -3.87
CA CYS D 94 -40.47 -4.86 -2.92
C CYS D 94 -40.05 -5.95 -1.93
N GLU D 95 -38.97 -6.69 -2.22
CA GLU D 95 -38.44 -7.61 -1.22
C GLU D 95 -37.74 -6.89 -0.09
N SER D 96 -37.29 -5.66 -0.30
CA SER D 96 -36.46 -4.98 0.67
C SER D 96 -37.09 -3.71 1.24
N PHE D 97 -38.20 -3.26 0.71
CA PHE D 97 -38.88 -2.09 1.28
C PHE D 97 -40.31 -2.45 1.61
N LYS D 98 -40.75 -2.05 2.79
CA LYS D 98 -42.10 -2.34 3.24
C LYS D 98 -43.14 -1.53 2.46
N GLU D 99 -42.83 -0.29 2.10
CA GLU D 99 -43.79 0.56 1.42
C GLU D 99 -43.17 1.18 0.18
N ILE D 100 -43.92 1.18 -0.91
CA ILE D 100 -43.47 1.79 -2.17
C ILE D 100 -44.50 2.82 -2.61
N VAL D 101 -44.02 3.95 -3.10
CA VAL D 101 -44.86 4.96 -3.75
C VAL D 101 -44.37 5.11 -5.19
N VAL D 102 -45.30 5.00 -6.14
CA VAL D 102 -45.00 5.11 -7.56
C VAL D 102 -45.48 6.47 -8.06
N THR D 103 -44.64 7.13 -8.85
CA THR D 103 -44.92 8.49 -9.29
C THR D 103 -44.58 8.65 -10.78
N ASP D 104 -45.28 9.56 -11.43
CA ASP D 104 -44.92 9.95 -12.78
C ASP D 104 -45.51 11.31 -13.10
N TYR D 105 -44.97 11.92 -14.16
CA TYR D 105 -45.54 13.16 -14.65
C TYR D 105 -46.88 12.91 -15.34
N SER D 106 -47.02 11.81 -16.06
CA SER D 106 -48.19 11.60 -16.91
C SER D 106 -49.30 10.85 -16.18
N ASP D 107 -50.51 11.40 -16.22
CA ASP D 107 -51.67 10.72 -15.64
C ASP D 107 -52.03 9.47 -16.42
N GLN D 108 -51.92 9.53 -17.75
CA GLN D 108 -52.14 8.34 -18.58
C GLN D 108 -51.20 7.19 -18.17
N ASN D 109 -49.93 7.50 -17.90
CA ASN D 109 -49.01 6.46 -17.49
C ASN D 109 -49.46 5.82 -16.18
N LEU D 110 -49.89 6.64 -15.23
CA LEU D 110 -50.30 6.13 -13.93
C LEU D 110 -51.54 5.26 -14.04
N GLN D 111 -52.47 5.62 -14.92
CA GLN D 111 -53.66 4.78 -15.08
C GLN D 111 -53.30 3.45 -15.72
N GLU D 112 -52.36 3.45 -16.66
CA GLU D 112 -51.86 2.20 -17.21
C GLU D 112 -51.22 1.36 -16.10
N LEU D 113 -50.42 1.99 -15.26
CA LEU D 113 -49.77 1.29 -14.15
C LEU D 113 -50.82 0.74 -13.17
N GLU D 114 -51.80 1.56 -12.79
CA GLU D 114 -52.83 1.12 -11.86
C GLU D 114 -53.64 -0.04 -12.44
N LYS D 115 -53.78 -0.10 -13.77
CA LYS D 115 -54.42 -1.25 -14.38
C LYS D 115 -53.72 -2.55 -14.04
N TRP D 116 -52.40 -2.51 -13.85
CA TRP D 116 -51.66 -3.71 -13.46
C TRP D 116 -51.72 -3.94 -11.95
N LEU D 117 -51.66 -2.88 -11.14
CA LEU D 117 -51.79 -3.02 -9.70
C LEU D 117 -53.15 -3.57 -9.32
N LYS D 118 -54.19 -3.18 -10.05
CA LYS D 118 -55.55 -3.63 -9.76
C LYS D 118 -55.87 -4.95 -10.44
N ALA D 119 -54.89 -5.59 -11.08
CA ALA D 119 -55.07 -6.86 -11.79
C ALA D 119 -56.25 -6.80 -12.75
N ALA D 120 -56.40 -5.68 -13.44
CA ALA D 120 -57.45 -5.58 -14.44
C ALA D 120 -57.07 -6.43 -15.65
N PRO D 121 -58.06 -7.01 -16.33
CA PRO D 121 -57.73 -7.84 -17.51
C PRO D 121 -57.11 -7.06 -18.66
N ALA D 122 -57.28 -5.73 -18.70
CA ALA D 122 -56.68 -4.88 -19.72
C ALA D 122 -55.23 -4.52 -19.42
N ALA D 123 -54.63 -5.11 -18.40
CA ALA D 123 -53.30 -4.74 -17.96
C ALA D 123 -52.23 -5.39 -18.82
N PHE D 124 -51.06 -4.76 -18.84
CA PHE D 124 -49.91 -5.38 -19.47
C PHE D 124 -49.55 -6.67 -18.76
N ASP D 125 -49.15 -7.67 -19.52
CA ASP D 125 -48.77 -8.96 -18.97
C ASP D 125 -47.26 -8.93 -18.68
N TRP D 126 -46.90 -8.85 -17.40
CA TRP D 126 -45.51 -8.77 -16.99
C TRP D 126 -44.90 -10.13 -16.65
N SER D 127 -45.60 -11.23 -16.95
CA SER D 127 -45.21 -12.52 -16.41
C SER D 127 -43.86 -13.02 -16.88
N PRO D 128 -43.50 -12.96 -18.18
CA PRO D 128 -42.10 -13.29 -18.53
C PRO D 128 -41.09 -12.52 -17.70
N VAL D 129 -41.34 -11.22 -17.44
CA VAL D 129 -40.42 -10.46 -16.62
C VAL D 129 -40.52 -10.87 -15.16
N VAL D 130 -41.74 -11.15 -14.69
CA VAL D 130 -41.89 -11.57 -13.31
C VAL D 130 -41.17 -12.90 -13.10
N THR D 131 -41.29 -13.80 -14.07
CA THR D 131 -40.61 -15.08 -13.99
C THR D 131 -39.10 -14.90 -13.92
N TYR D 132 -38.56 -14.02 -14.76
CA TYR D 132 -37.11 -13.84 -14.80
C TYR D 132 -36.58 -13.37 -13.47
N VAL D 133 -37.27 -12.42 -12.81
CA VAL D 133 -36.83 -11.94 -11.51
C VAL D 133 -36.97 -13.03 -10.45
N CYS D 134 -38.06 -13.79 -10.50
CA CYS D 134 -38.20 -14.90 -9.57
C CYS D 134 -37.07 -15.89 -9.76
N ASP D 135 -36.68 -16.14 -11.02
CA ASP D 135 -35.55 -17.01 -11.28
C ASP D 135 -34.24 -16.42 -10.76
N LEU D 136 -34.11 -15.10 -10.83
CA LEU D 136 -32.91 -14.46 -10.30
C LEU D 136 -32.81 -14.62 -8.79
N GLU D 137 -33.94 -14.69 -8.10
CA GLU D 137 -33.92 -14.68 -6.66
C GLU D 137 -33.88 -16.07 -6.05
N GLY D 138 -33.62 -17.10 -6.86
CA GLY D 138 -33.50 -18.45 -6.38
C GLY D 138 -34.77 -19.27 -6.45
N ASN D 139 -35.80 -18.77 -7.13
CA ASN D 139 -37.08 -19.48 -7.26
C ASN D 139 -37.68 -19.79 -5.89
N ARG D 140 -37.31 -19.00 -4.88
CA ARG D 140 -37.93 -19.15 -3.57
C ARG D 140 -39.45 -19.03 -3.66
N VAL D 141 -39.94 -18.23 -4.61
CA VAL D 141 -41.36 -18.11 -4.91
C VAL D 141 -41.54 -18.29 -6.42
N LYS D 142 -42.79 -18.54 -6.80
CA LYS D 142 -43.21 -18.41 -8.17
C LYS D 142 -43.87 -17.04 -8.36
N GLY D 143 -44.11 -16.68 -9.63
CA GLY D 143 -44.63 -15.39 -10.01
C GLY D 143 -45.79 -14.85 -9.20
N PRO D 144 -46.92 -15.59 -9.17
CA PRO D 144 -48.13 -15.05 -8.50
C PRO D 144 -47.89 -14.57 -7.08
N GLU D 145 -46.91 -15.15 -6.38
CA GLU D 145 -46.54 -14.67 -5.06
C GLU D 145 -45.79 -13.35 -5.15
N LYS D 146 -44.83 -13.29 -6.06
CA LYS D 146 -44.10 -12.06 -6.27
C LYS D 146 -45.05 -10.94 -6.65
N GLU D 147 -45.91 -11.21 -7.65
CA GLU D 147 -46.89 -10.23 -8.09
C GLU D 147 -47.71 -9.69 -6.92
N GLU D 148 -48.13 -10.58 -6.02
CA GLU D 148 -48.94 -10.14 -4.89
C GLU D 148 -48.10 -9.39 -3.86
N LYS D 149 -46.81 -9.74 -3.73
CA LYS D 149 -45.94 -9.01 -2.82
C LYS D 149 -45.79 -7.56 -3.24
N LEU D 150 -45.72 -7.30 -4.54
CA LEU D 150 -45.56 -5.92 -5.01
C LEU D 150 -46.86 -5.14 -4.92
N ARG D 151 -48.00 -5.80 -5.15
CA ARG D 151 -49.26 -5.06 -5.18
C ARG D 151 -49.59 -4.51 -3.80
N GLN D 152 -49.29 -5.25 -2.74
CA GLN D 152 -49.57 -4.70 -1.42
C GLN D 152 -48.45 -3.81 -0.89
N ALA D 153 -47.28 -3.79 -1.51
CA ALA D 153 -46.27 -2.83 -1.09
C ALA D 153 -46.57 -1.42 -1.64
N VAL D 154 -47.12 -1.31 -2.85
CA VAL D 154 -47.42 -0.01 -3.44
C VAL D 154 -48.56 0.67 -2.67
N LYS D 155 -48.23 1.66 -1.83
CA LYS D 155 -49.24 2.31 -1.01
C LYS D 155 -49.87 3.52 -1.67
N GLN D 156 -49.17 4.22 -2.56
CA GLN D 156 -49.74 5.39 -3.21
C GLN D 156 -49.25 5.48 -4.65
N VAL D 157 -50.11 6.03 -5.50
CA VAL D 157 -49.81 6.35 -6.90
C VAL D 157 -49.97 7.86 -7.06
N LEU D 158 -48.87 8.57 -7.24
CA LEU D 158 -48.90 10.03 -7.17
C LEU D 158 -48.36 10.70 -8.44
N LYS D 159 -48.77 11.95 -8.63
CA LYS D 159 -48.18 12.81 -9.65
C LYS D 159 -46.86 13.37 -9.16
N CYS D 160 -45.90 13.48 -10.07
CA CYS D 160 -44.67 14.12 -9.66
C CYS D 160 -44.09 14.89 -10.83
N ASP D 161 -43.28 15.89 -10.50
CA ASP D 161 -42.51 16.64 -11.48
C ASP D 161 -41.16 16.92 -10.83
N VAL D 162 -40.11 16.28 -11.36
CA VAL D 162 -38.79 16.35 -10.74
C VAL D 162 -38.15 17.73 -10.82
N THR D 163 -38.65 18.61 -11.70
CA THR D 163 -38.08 19.94 -11.83
C THR D 163 -38.61 20.91 -10.78
N GLN D 164 -39.69 20.56 -10.08
CA GLN D 164 -40.20 21.40 -9.02
C GLN D 164 -39.48 21.10 -7.71
N SER D 165 -39.34 22.14 -6.87
CA SER D 165 -38.65 22.00 -5.61
C SER D 165 -39.37 21.04 -4.67
N GLN D 166 -40.71 20.94 -4.77
CA GLN D 166 -41.48 19.90 -4.12
C GLN D 166 -41.97 18.97 -5.22
N PRO D 167 -41.23 17.91 -5.55
CA PRO D 167 -41.60 17.09 -6.72
C PRO D 167 -43.00 16.50 -6.64
N LEU D 168 -43.50 16.21 -5.44
CA LEU D 168 -44.84 15.66 -5.29
C LEU D 168 -45.89 16.73 -4.95
N GLY D 169 -45.59 18.00 -5.19
CA GLY D 169 -46.57 19.04 -4.97
C GLY D 169 -47.00 19.09 -3.51
N ALA D 170 -48.32 19.09 -3.30
CA ALA D 170 -48.90 19.24 -1.97
C ALA D 170 -49.01 17.93 -1.20
N VAL D 171 -48.72 16.79 -1.81
CA VAL D 171 -48.87 15.51 -1.13
C VAL D 171 -47.73 15.36 -0.12
N PRO D 172 -48.02 15.25 1.18
CA PRO D 172 -46.96 15.02 2.15
C PRO D 172 -46.58 13.55 2.22
N LEU D 173 -45.28 13.28 2.28
CA LEU D 173 -44.78 11.95 2.54
C LEU D 173 -43.77 11.97 3.67
N PRO D 174 -43.74 10.93 4.49
CA PRO D 174 -42.64 10.80 5.46
C PRO D 174 -41.32 10.65 4.72
N PRO D 175 -40.21 10.96 5.38
CA PRO D 175 -38.92 10.88 4.68
C PRO D 175 -38.64 9.45 4.20
N ALA D 176 -38.15 9.34 2.96
CA ALA D 176 -37.91 8.01 2.38
C ALA D 176 -36.49 7.53 2.62
N ASP D 177 -36.33 6.21 2.70
CA ASP D 177 -35.03 5.58 2.82
C ASP D 177 -34.32 5.49 1.48
N CYS D 178 -35.08 5.37 0.38
CA CYS D 178 -34.50 5.19 -0.93
C CYS D 178 -35.38 5.86 -1.99
N VAL D 179 -34.73 6.56 -2.93
CA VAL D 179 -35.38 7.10 -4.12
C VAL D 179 -34.85 6.37 -5.35
N LEU D 180 -35.76 5.81 -6.14
CA LEU D 180 -35.43 5.01 -7.32
C LEU D 180 -35.96 5.73 -8.54
N SER D 181 -35.13 5.92 -9.55
CA SER D 181 -35.59 6.50 -10.80
C SER D 181 -34.86 5.82 -11.94
N THR D 182 -35.61 5.21 -12.85
CA THR D 182 -35.05 4.54 -14.01
C THR D 182 -35.52 5.23 -15.27
N LEU D 183 -34.57 5.61 -16.13
CA LEU D 183 -34.86 6.16 -17.46
C LEU D 183 -35.81 7.35 -17.40
N CYS D 184 -35.72 8.15 -16.35
CA CYS D 184 -36.57 9.32 -16.18
C CYS D 184 -35.82 10.62 -16.41
N LEU D 185 -34.70 10.82 -15.72
CA LEU D 185 -34.10 12.15 -15.66
C LEU D 185 -33.62 12.63 -17.02
N ASP D 186 -32.99 11.75 -17.80
CA ASP D 186 -32.61 12.10 -19.17
C ASP D 186 -33.79 12.70 -19.94
N ALA D 187 -34.95 12.04 -19.88
CA ALA D 187 -36.13 12.51 -20.58
C ALA D 187 -36.72 13.77 -19.96
N ALA D 188 -36.49 14.03 -18.68
CA ALA D 188 -37.22 15.10 -17.99
C ALA D 188 -36.50 16.43 -18.01
N CYS D 189 -35.17 16.44 -18.14
CA CYS D 189 -34.38 17.65 -17.95
C CYS D 189 -33.88 18.18 -19.28
N PRO D 190 -34.16 19.44 -19.64
CA PRO D 190 -33.67 19.98 -20.91
C PRO D 190 -32.22 20.41 -20.90
N ASP D 191 -31.52 20.37 -19.77
CA ASP D 191 -30.10 20.74 -19.74
C ASP D 191 -29.49 20.25 -18.44
N LEU D 192 -28.15 20.30 -18.37
CA LEU D 192 -27.45 19.82 -17.19
C LEU D 192 -27.84 20.54 -15.90
N PRO D 193 -27.97 21.88 -15.86
CA PRO D 193 -28.40 22.50 -14.60
C PRO D 193 -29.77 22.05 -14.17
N THR D 194 -30.70 21.83 -15.09
CA THR D 194 -31.99 21.27 -14.68
C THR D 194 -31.81 19.86 -14.14
N TYR D 195 -30.95 19.07 -14.77
CA TYR D 195 -30.63 17.72 -14.29
C TYR D 195 -30.19 17.74 -12.85
N CYS D 196 -29.27 18.66 -12.53
CA CYS D 196 -28.74 18.78 -11.19
C CYS D 196 -29.81 19.26 -10.21
N ARG D 197 -30.59 20.28 -10.62
CA ARG D 197 -31.70 20.77 -9.77
C ARG D 197 -32.69 19.66 -9.47
N ALA D 198 -33.01 18.84 -10.48
CA ALA D 198 -33.92 17.72 -10.27
C ALA D 198 -33.37 16.78 -9.21
N LEU D 199 -32.06 16.56 -9.18
CA LEU D 199 -31.48 15.60 -8.24
C LEU D 199 -31.56 16.13 -6.82
N ARG D 200 -31.39 17.45 -6.66
CA ARG D 200 -31.59 18.07 -5.35
C ARG D 200 -33.06 18.00 -4.94
N ASN D 201 -33.97 18.23 -5.89
CA ASN D 201 -35.39 18.13 -5.60
C ASN D 201 -35.74 16.72 -5.12
N LEU D 202 -35.17 15.71 -5.76
CA LEU D 202 -35.40 14.33 -5.33
C LEU D 202 -34.88 14.12 -3.91
N GLY D 203 -33.74 14.74 -3.57
CA GLY D 203 -33.18 14.61 -2.24
C GLY D 203 -34.05 15.18 -1.15
N SER D 204 -34.91 16.14 -1.49
CA SER D 204 -35.84 16.66 -0.48
C SER D 204 -36.80 15.60 0.02
N LEU D 205 -36.92 14.48 -0.70
CA LEU D 205 -37.76 13.38 -0.24
C LEU D 205 -37.00 12.36 0.60
N LEU D 206 -35.68 12.49 0.68
CA LEU D 206 -34.83 11.48 1.27
C LEU D 206 -34.44 11.86 2.69
N LYS D 207 -34.29 10.85 3.55
CA LYS D 207 -33.60 11.04 4.81
C LYS D 207 -32.12 11.30 4.52
N PRO D 208 -31.43 12.03 5.39
CA PRO D 208 -29.98 12.11 5.27
C PRO D 208 -29.39 10.73 5.47
N GLY D 209 -28.43 10.39 4.62
CA GLY D 209 -27.90 9.04 4.54
C GLY D 209 -28.79 8.04 3.80
N GLY D 210 -29.92 8.48 3.25
CA GLY D 210 -30.74 7.60 2.44
C GLY D 210 -30.18 7.40 1.03
N PHE D 211 -30.68 6.36 0.38
CA PHE D 211 -30.17 5.91 -0.91
C PHE D 211 -30.82 6.61 -2.09
N LEU D 212 -30.00 6.98 -3.07
CA LEU D 212 -30.46 7.37 -4.39
C LEU D 212 -29.97 6.34 -5.40
N VAL D 213 -30.90 5.74 -6.14
CA VAL D 213 -30.62 4.69 -7.11
C VAL D 213 -31.09 5.18 -8.48
N ILE D 214 -30.15 5.38 -9.42
CA ILE D 214 -30.49 5.90 -10.73
C ILE D 214 -29.94 5.00 -11.82
N MET D 215 -30.76 4.73 -12.83
CA MET D 215 -30.38 4.08 -14.08
C MET D 215 -30.97 4.87 -15.25
N ASP D 216 -30.13 5.19 -16.25
CA ASP D 216 -30.54 6.06 -17.34
C ASP D 216 -29.62 5.88 -18.55
N ALA D 217 -29.98 6.52 -19.65
CA ALA D 217 -29.21 6.41 -20.88
C ALA D 217 -28.01 7.36 -20.86
N LEU D 218 -26.96 6.96 -21.55
CA LEU D 218 -25.81 7.84 -21.74
C LEU D 218 -25.84 8.35 -23.18
N LYS D 219 -25.64 9.66 -23.34
CA LYS D 219 -25.41 10.27 -24.66
C LYS D 219 -26.59 10.04 -25.60
N SER D 220 -27.79 10.09 -25.08
CA SER D 220 -28.99 9.96 -25.88
C SER D 220 -29.65 11.34 -26.01
N SER D 221 -29.92 11.76 -27.24
CA SER D 221 -30.63 13.02 -27.51
C SER D 221 -32.08 12.81 -27.92
N TYR D 222 -32.48 11.61 -28.32
CA TYR D 222 -33.88 11.32 -28.59
C TYR D 222 -34.18 9.87 -28.27
N TYR D 223 -35.45 9.59 -28.03
CA TYR D 223 -35.94 8.21 -28.07
C TYR D 223 -37.27 8.19 -28.79
N MET D 224 -37.59 7.02 -29.35
CA MET D 224 -38.76 6.82 -30.21
C MET D 224 -39.82 5.99 -29.50
N ILE D 225 -41.05 6.44 -29.59
CA ILE D 225 -42.20 5.64 -29.21
C ILE D 225 -43.07 5.54 -30.46
N GLY D 226 -42.91 4.44 -31.18
CA GLY D 226 -43.59 4.29 -32.44
C GLY D 226 -42.97 5.25 -33.43
N GLU D 227 -43.81 6.11 -34.01
CA GLU D 227 -43.39 7.19 -34.89
C GLU D 227 -43.07 8.48 -34.16
N GLN D 228 -43.39 8.56 -32.87
CA GLN D 228 -43.30 9.82 -32.13
C GLN D 228 -41.94 9.94 -31.46
N LYS D 229 -41.27 11.08 -31.67
CA LYS D 229 -39.91 11.30 -31.24
C LYS D 229 -39.89 12.24 -30.03
N PHE D 230 -39.26 11.79 -28.94
CA PHE D 230 -39.12 12.58 -27.73
C PHE D 230 -37.66 12.96 -27.52
N SER D 231 -37.48 14.05 -26.80
CA SER D 231 -36.17 14.62 -26.55
C SER D 231 -35.54 14.03 -25.29
N SER D 232 -34.22 13.93 -25.33
CA SER D 232 -33.42 13.37 -24.25
C SER D 232 -32.16 14.21 -24.09
N LEU D 233 -31.71 14.36 -22.85
CA LEU D 233 -30.43 15.02 -22.60
C LEU D 233 -29.30 14.03 -22.86
N PRO D 234 -28.38 14.33 -23.78
CA PRO D 234 -27.29 13.36 -24.08
C PRO D 234 -26.09 13.51 -23.15
N LEU D 235 -26.31 13.18 -21.88
CA LEU D 235 -25.27 13.21 -20.84
C LEU D 235 -24.23 12.12 -21.06
N GLY D 236 -22.94 12.49 -20.88
CA GLY D 236 -21.88 11.51 -20.63
C GLY D 236 -21.78 11.16 -19.13
N ARG D 237 -20.94 10.17 -18.82
CA ARG D 237 -20.86 9.67 -17.46
C ARG D 237 -20.27 10.71 -16.49
N GLU D 238 -19.28 11.48 -16.96
CA GLU D 238 -18.67 12.49 -16.09
C GLU D 238 -19.67 13.57 -15.73
N ALA D 239 -20.49 13.99 -16.70
CA ALA D 239 -21.55 14.94 -16.39
C ALA D 239 -22.51 14.37 -15.34
N VAL D 240 -22.82 13.07 -15.43
CA VAL D 240 -23.74 12.48 -14.45
C VAL D 240 -23.12 12.59 -13.06
N GLU D 241 -21.83 12.29 -12.95
CA GLU D 241 -21.19 12.26 -11.65
C GLU D 241 -21.12 13.67 -11.07
N ALA D 242 -20.68 14.63 -11.88
CA ALA D 242 -20.67 16.03 -11.44
C ALA D 242 -22.06 16.50 -11.00
N ALA D 243 -23.11 16.14 -11.74
CA ALA D 243 -24.43 16.60 -11.33
C ALA D 243 -24.82 15.99 -9.99
N VAL D 244 -24.48 14.72 -9.77
CA VAL D 244 -24.92 14.03 -8.56
C VAL D 244 -24.21 14.60 -7.33
N LYS D 245 -22.90 14.77 -7.42
CA LYS D 245 -22.17 15.31 -6.27
C LYS D 245 -22.57 16.76 -6.01
N GLU D 246 -22.72 17.57 -7.06
CA GLU D 246 -23.21 18.92 -6.85
C GLU D 246 -24.59 18.92 -6.21
N ALA D 247 -25.43 17.96 -6.56
CA ALA D 247 -26.73 17.98 -5.88
C ALA D 247 -26.64 17.53 -4.42
N GLY D 248 -25.46 17.16 -3.93
CA GLY D 248 -25.31 16.87 -2.51
C GLY D 248 -25.37 15.41 -2.15
N TYR D 249 -24.85 14.54 -3.00
CA TYR D 249 -24.73 13.12 -2.72
C TYR D 249 -23.28 12.67 -2.88
N THR D 250 -22.95 11.58 -2.17
CA THR D 250 -21.70 10.87 -2.33
C THR D 250 -22.02 9.55 -3.04
N ILE D 251 -21.24 9.22 -4.06
CA ILE D 251 -21.53 8.05 -4.89
C ILE D 251 -20.80 6.83 -4.33
N GLU D 252 -21.56 5.79 -4.01
CA GLU D 252 -20.96 4.54 -3.52
C GLU D 252 -20.59 3.59 -4.64
N TRP D 253 -21.37 3.52 -5.72
CA TRP D 253 -20.86 2.82 -6.88
C TRP D 253 -21.54 3.32 -8.15
N PHE D 254 -20.81 3.17 -9.25
CA PHE D 254 -21.15 3.71 -10.56
C PHE D 254 -20.72 2.68 -11.59
N GLU D 255 -21.65 2.26 -12.43
CA GLU D 255 -21.39 1.29 -13.47
C GLU D 255 -21.89 1.81 -14.81
N VAL D 256 -21.11 1.63 -15.88
CA VAL D 256 -21.55 1.86 -17.25
C VAL D 256 -21.46 0.56 -18.04
N ILE D 257 -22.41 0.39 -18.94
CA ILE D 257 -22.42 -0.72 -19.90
C ILE D 257 -22.45 -0.11 -21.28
N SER D 258 -21.83 -0.79 -22.25
CA SER D 258 -21.81 -0.24 -23.60
C SER D 258 -23.10 -0.52 -24.36
N GLN D 259 -23.84 -1.58 -24.00
CA GLN D 259 -25.02 -2.01 -24.74
C GLN D 259 -26.04 -0.87 -24.92
N SER D 260 -26.48 -0.69 -26.16
CA SER D 260 -27.38 0.40 -26.53
C SER D 260 -28.71 -0.12 -27.06
N TYR D 261 -29.70 0.77 -27.08
CA TYR D 261 -30.94 0.49 -27.76
C TYR D 261 -30.71 0.43 -29.27
N SER D 262 -31.63 -0.20 -29.97
CA SER D 262 -31.59 -0.15 -31.43
C SER D 262 -31.71 1.30 -31.90
N SER D 263 -31.12 1.59 -33.06
CA SER D 263 -31.14 2.95 -33.60
C SER D 263 -32.57 3.44 -33.83
N THR D 264 -33.48 2.53 -34.20
CA THR D 264 -34.88 2.86 -34.41
C THR D 264 -35.59 3.23 -33.12
N MET D 265 -34.97 3.00 -31.97
CA MET D 265 -35.55 3.27 -30.66
C MET D 265 -34.92 4.49 -29.99
N ALA D 266 -33.58 4.56 -29.95
CA ALA D 266 -32.88 5.69 -29.37
C ALA D 266 -31.44 5.66 -29.84
N ASN D 267 -30.76 6.81 -29.70
CA ASN D 267 -29.38 6.96 -30.14
C ASN D 267 -28.44 6.99 -28.95
N ASN D 268 -28.80 6.30 -27.88
CA ASN D 268 -27.93 6.27 -26.71
C ASN D 268 -26.66 5.50 -27.04
N GLU D 269 -25.61 5.77 -26.27
CA GLU D 269 -24.38 5.01 -26.32
C GLU D 269 -24.17 4.45 -24.91
N GLY D 270 -24.83 3.35 -24.62
CA GLY D 270 -24.72 2.71 -23.33
C GLY D 270 -25.65 3.26 -22.27
N LEU D 271 -25.50 2.69 -21.07
CA LEU D 271 -26.36 2.97 -19.94
C LEU D 271 -25.50 3.07 -18.70
N PHE D 272 -26.01 3.75 -17.68
CA PHE D 272 -25.33 3.82 -16.40
C PHE D 272 -26.29 3.42 -15.27
N SER D 273 -25.69 2.98 -14.16
CA SER D 273 -26.35 2.72 -12.89
C SER D 273 -25.50 3.33 -11.80
N LEU D 274 -26.15 3.95 -10.83
CA LEU D 274 -25.39 4.48 -9.73
C LEU D 274 -26.21 4.31 -8.46
N VAL D 275 -25.50 4.18 -7.35
CA VAL D 275 -26.09 4.18 -6.02
C VAL D 275 -25.33 5.23 -5.23
N ALA D 276 -26.06 6.24 -4.74
CA ALA D 276 -25.48 7.37 -4.05
C ALA D 276 -26.18 7.55 -2.72
N ARG D 277 -25.50 8.19 -1.80
CA ARG D 277 -26.07 8.52 -0.51
C ARG D 277 -26.27 10.02 -0.36
N LYS D 278 -27.40 10.41 0.21
CA LYS D 278 -27.65 11.80 0.53
C LYS D 278 -26.76 12.24 1.69
N LEU D 279 -26.01 13.32 1.48
CA LEU D 279 -25.16 13.89 2.53
C LEU D 279 -25.97 14.75 3.49
N SER D 280 -25.37 15.04 4.64
CA SER D 280 -25.97 15.89 5.66
C SER D 280 -25.40 17.29 5.64
C4 F0P E . 2.91 -10.89 -10.68
C14 F0P E . -2.91 -2.75 -4.57
C5 F0P E . 3.95 -10.16 -11.24
C6 F0P E . 4.27 -10.36 -12.57
C11 F0P E . -4.15 -3.88 -2.76
C7 F0P E . -3.24 -6.41 -3.51
C8 F0P E . 3.71 -9.57 -9.15
C9 F0P E . -4.09 -6.26 -2.42
C10 F0P E . -4.55 -5.00 -2.03
C12 F0P E . -3.30 -4.01 -3.84
C13 F0P E . -2.83 -5.28 -4.24
N1 F0P E . 3.58 -11.27 -13.29
C3 F0P E . -2.79 -7.82 -3.83
N3 F0P E . 2.24 -11.78 -11.44
N F0P E . -5.32 -12.63 -7.10
CA F0P E . -5.07 -12.62 -5.63
C F0P E . -6.07 -11.73 -4.90
O F0P E . -7.06 -11.31 -5.53
CB F0P E . -3.59 -12.25 -5.43
CG F0P E . -2.23 -10.13 -5.80
ND F0P E . -1.19 -9.29 -5.16
CE F0P E . -1.58 -7.90 -4.77
OXT F0P E . -5.96 -11.48 -3.67
C1 F0P E . -3.18 -10.89 -4.88
C1' F0P E . 1.81 -11.04 -8.43
C2 F0P E . 2.58 -11.97 -12.73
C2' F0P E . 2.38 -11.35 -7.06
C3' F0P E . 1.14 -11.32 -6.19
C4' F0P E . 0.19 -10.36 -6.91
C5' F0P E . -0.11 -9.09 -6.14
N16 F0P E . -2.67 -2.76 -5.97
N6 F0P E . 5.27 -9.66 -13.15
N7 F0P E . 4.43 -9.34 -10.29
N9 F0P E . 2.79 -10.52 -9.40
O15 F0P E . -2.82 -1.73 -3.94
O2' F0P E . 2.91 -12.64 -7.11
O3' F0P E . 0.50 -12.59 -6.21
O4' F0P E . 0.82 -10.04 -8.15
C1 EDO F . 2.85 -18.23 41.48
O1 EDO F . 1.71 -17.90 40.66
C2 EDO F . 3.45 -16.96 42.08
O2 EDO F . 4.88 -16.99 41.97
C1 EDO G . -10.07 -18.01 23.49
O1 EDO G . -9.06 -19.03 23.49
C2 EDO G . -9.55 -16.66 24.02
O2 EDO G . -9.41 -16.66 25.46
C4 F0P H . 7.15 -14.17 18.79
C14 F0P H . 7.96 -13.75 30.42
C5 F0P H . 6.31 -15.23 18.54
C6 F0P H . 6.64 -16.16 17.57
C11 F0P H . 8.34 -11.38 31.08
C7 F0P H . 8.32 -10.48 28.46
C8 F0P H . 5.48 -14.00 20.14
C9 F0P H . 8.51 -9.57 29.50
C10 F0P H . 8.52 -10.03 30.81
C12 F0P H . 8.14 -12.29 30.03
C13 F0P H . 8.14 -11.84 28.71
N1 F0P H . 7.78 -15.98 16.88
C3 F0P H . 8.32 -9.92 27.07
N3 F0P H . 8.29 -14.03 18.08
N F0P H . 13.13 -8.63 23.11
CA F0P H . 12.23 -7.68 23.78
C F0P H . 12.59 -7.55 25.25
O F0P H . 11.92 -6.79 25.98
CB F0P H . 10.77 -8.10 23.60
CG F0P H . 8.73 -9.19 24.37
ND F0P H . 7.87 -10.37 24.66
CE F0P H . 8.01 -10.96 26.01
OXT F0P H . 13.58 -8.20 25.67
C1 F0P H . 10.26 -9.34 24.34
C1' F0P H . 7.23 -12.19 20.30
C2 F0P H . 8.59 -14.94 17.13
C2' F0P H . 6.18 -11.16 20.68
C3' F0P H . 6.92 -10.28 21.67
C4' F0P H . 8.04 -11.15 22.24
C5' F0P H . 7.92 -11.49 23.70
N16 F0P H . 8.39 -14.80 29.56
N6 F0P H . 5.85 -17.24 17.30
N7 F0P H . 5.28 -15.12 19.40
N9 F0P H . 6.63 -13.43 19.76
O15 F0P H . 7.41 -14.02 31.47
O2' F0P H . 5.80 -10.46 19.51
O3' F0P H . 7.59 -9.22 21.00
O4' F0P H . 7.94 -12.39 21.53
C4 F0P I . 30.79 13.44 4.51
C14 F0P I . 28.44 9.57 -6.33
C5 F0P I . 30.43 12.33 5.23
C6 F0P I . 29.73 12.48 6.43
C11 F0P I . 29.71 11.07 -7.83
C7 F0P I . 31.26 12.09 -5.76
C8 F0P I . 31.49 11.69 3.42
C9 F0P I . 31.46 12.52 -7.06
C10 F0P I . 30.69 12.02 -8.10
C12 F0P I . 29.50 10.62 -6.53
C13 F0P I . 30.28 11.14 -5.49
N1 F0P I . 29.43 13.70 6.88
C3 F0P I . 32.16 12.71 -4.70
N3 F0P I . 30.48 14.66 5.01
N F0P I . 30.88 19.10 -2.60
CA F0P I . 32.01 18.60 -3.41
C F0P I . 31.68 18.41 -4.88
O F0P I . 30.58 18.83 -5.32
CB F0P I . 32.55 17.30 -2.81
CG F0P I . 32.82 14.85 -2.73
ND F0P I . 32.34 13.49 -2.35
CE F0P I . 31.48 12.82 -3.36
OXT F0P I . 32.51 17.86 -5.62
C1 F0P I . 31.81 15.97 -3.04
C1' F0P I . 32.03 13.90 2.36
C2 F0P I . 29.82 14.77 6.17
C2' F0P I . 33.37 13.40 1.87
C3' F0P I . 33.48 14.07 0.51
C4' F0P I . 32.04 14.27 0.06
C5' F0P I . 31.57 13.41 -1.09
N16 F0P I . 27.69 9.50 -5.12
N6 F0P I . 29.36 11.40 7.15
N7 F0P I . 30.86 11.26 4.53
N9 F0P I . 31.45 13.03 3.41
O15 F0P I . 28.24 8.78 -7.23
O2' F0P I . 34.38 13.88 2.74
O3' F0P I . 34.05 15.38 0.68
O4' F0P I . 31.22 13.91 1.18
C4 F0P J . -41.24 12.96 -15.72
C14 F0P J . -33.66 7.92 -23.32
C5 F0P J . -40.97 14.29 -15.96
C6 F0P J . -40.92 15.17 -14.88
C11 F0P J . -34.54 5.64 -23.73
C7 F0P J . -36.89 6.18 -22.35
C8 F0P J . -40.98 13.22 -17.87
C9 F0P J . -36.67 4.94 -22.91
C10 F0P J . -35.50 4.66 -23.61
C12 F0P J . -34.74 6.89 -23.17
C13 F0P J . -35.92 7.17 -22.46
N1 F0P J . -41.14 14.70 -13.64
C3 F0P J . -38.22 6.38 -21.62
N3 F0P J . -41.46 12.54 -14.45
N F0P J . -39.41 4.17 -15.45
CA F0P J . -39.99 3.69 -16.72
C F0P J . -39.02 2.79 -17.46
O F0P J . -37.93 2.50 -16.93
CB F0P J . -40.42 4.87 -17.62
CG F0P J . -40.13 6.39 -19.53
ND F0P J . -39.64 7.70 -20.05
CE F0P J . -38.34 7.64 -20.77
OXT F0P J . -39.36 2.35 -18.58
C1 F0P J . -39.38 5.74 -18.34
C1' F0P J . -41.50 10.90 -17.10
C2 F0P J . -41.40 13.41 -13.43
C2' F0P J . -42.37 10.67 -18.32
C3' F0P J . -41.99 9.27 -18.74
C4' F0P J . -40.64 9.03 -18.09
C5' F0P J . -39.46 8.74 -19.02
N16 F0P J . -33.51 8.92 -22.34
N6 F0P J . -40.65 16.48 -15.07
N7 F0P J . -40.81 14.42 -17.30
N9 F0P J . -41.24 12.33 -16.91
O15 F0P J . -32.91 7.87 -24.29
O2' F0P J . -43.74 10.73 -17.92
O3' F0P J . -42.94 8.40 -18.12
O4' F0P J . -40.29 10.21 -17.38
#